data_2C8A
#
_entry.id   2C8A
#
_cell.length_a   105.741
_cell.length_b   74.638
_cell.length_c   118.962
_cell.angle_alpha   90.00
_cell.angle_beta   101.04
_cell.angle_gamma   90.00
#
_symmetry.space_group_name_H-M   'C 1 2 1'
#
loop_
_entity.id
_entity.type
_entity.pdbx_description
1 polymer 'MONO-ADP-RIBOSYLTRANSFERASE C3'
2 non-polymer NICOTINAMIDE
3 non-polymer 'SULFATE ION'
4 water water
#
_entity_poly.entity_id   1
_entity_poly.type   'polypeptide(L)'
_entity_poly.pdbx_seq_one_letter_code
;AYSNTYQEFTNIDQAKAWGNAQYKKYGLSKSEKEAIVSYTKSASEINGKLRQNKGVINGFPSNLIKQVELLDKSFNKMKT
PENIMLFRGDDPAYLGTEFQNTLLNSNGTINKTAFEKAKAKFLNKDRLEYGYISTSLMNVSQFAGRPIITKFKVAKGSKA
GYIDPISAFAGQLEMLLPRHSTYHIDDMRLSSDGKQIIITATMMGTAINPK
;
_entity_poly.pdbx_strand_id   A,B,C,D
#
# COMPACT_ATOMS: atom_id res chain seq x y z
N ASN A 4 -19.31 14.93 26.01
CA ASN A 4 -18.06 15.72 25.78
C ASN A 4 -17.53 15.51 24.36
N THR A 5 -17.18 16.60 23.69
CA THR A 5 -16.64 16.55 22.34
C THR A 5 -15.13 16.76 22.38
N TYR A 6 -14.41 16.02 21.53
CA TYR A 6 -12.96 16.08 21.48
C TYR A 6 -12.50 16.65 20.14
N GLN A 7 -11.59 17.61 20.21
CA GLN A 7 -10.97 18.20 19.02
C GLN A 7 -10.20 17.14 18.24
N GLU A 8 -10.56 16.96 16.97
CA GLU A 8 -9.82 16.08 16.07
C GLU A 8 -9.24 16.92 14.94
N PHE A 9 -7.91 17.00 14.89
CA PHE A 9 -7.22 17.68 13.81
C PHE A 9 -7.41 16.93 12.50
N THR A 10 -7.71 17.70 11.45
CA THR A 10 -8.02 17.18 10.13
C THR A 10 -6.98 17.57 9.09
N ASN A 11 -6.03 18.44 9.45
CA ASN A 11 -5.08 18.99 8.50
C ASN A 11 -3.69 19.04 9.14
N ILE A 12 -2.66 18.57 8.44
CA ILE A 12 -1.30 18.51 8.98
C ILE A 12 -0.78 19.89 9.37
N ASP A 13 -0.99 20.87 8.51
CA ASP A 13 -0.50 22.23 8.78
C ASP A 13 -1.21 22.82 9.99
N GLN A 14 -2.50 22.54 10.11
CA GLN A 14 -3.30 23.05 11.23
C GLN A 14 -2.82 22.39 12.53
N ALA A 15 -2.53 21.09 12.47
CA ALA A 15 -2.03 20.34 13.63
C ALA A 15 -0.67 20.87 14.07
N LYS A 16 0.24 21.08 13.13
CA LYS A 16 1.58 21.59 13.43
C LYS A 16 1.53 22.99 14.02
N ALA A 17 0.70 23.85 13.44
CA ALA A 17 0.54 25.22 13.94
C ALA A 17 0.12 25.18 15.41
N TRP A 18 -0.89 24.37 15.71
CA TRP A 18 -1.42 24.27 17.07
C TRP A 18 -0.38 23.69 18.03
N GLY A 19 0.26 22.60 17.61
CA GLY A 19 1.28 21.97 18.42
C GLY A 19 2.47 22.87 18.70
N ASN A 20 2.98 23.52 17.66
CA ASN A 20 4.08 24.48 17.80
C ASN A 20 3.74 25.60 18.77
N ALA A 21 2.48 26.05 18.74
CA ALA A 21 2.03 27.11 19.65
C ALA A 21 2.05 26.63 21.11
N GLN A 22 1.66 25.37 21.32
CA GLN A 22 1.69 24.79 22.66
C GLN A 22 3.13 24.66 23.17
N TYR A 23 4.02 24.14 22.32
CA TYR A 23 5.39 23.88 22.73
C TYR A 23 6.13 25.16 23.14
N LYS A 24 5.83 26.25 22.44
CA LYS A 24 6.48 27.53 22.69
C LYS A 24 6.23 28.07 24.11
N LYS A 25 5.11 27.65 24.71
CA LYS A 25 4.72 28.13 26.03
C LYS A 25 5.14 27.24 27.21
N TYR A 26 5.63 26.03 26.94
CA TYR A 26 5.94 25.08 28.01
C TYR A 26 7.05 25.55 28.95
N GLY A 27 8.06 26.26 28.41
CA GLY A 27 9.19 26.69 29.21
C GLY A 27 9.93 25.52 29.85
N LEU A 28 10.17 24.48 29.05
CA LEU A 28 10.93 23.33 29.49
C LEU A 28 12.37 23.76 29.80
N SER A 29 12.95 23.14 30.83
CA SER A 29 14.32 23.41 31.19
C SER A 29 15.28 22.72 30.24
N LYS A 30 16.55 23.09 30.31
CA LYS A 30 17.60 22.47 29.52
C LYS A 30 17.60 20.95 29.74
N SER A 31 17.53 20.53 31.00
CA SER A 31 17.59 19.12 31.38
C SER A 31 16.35 18.35 30.92
N GLU A 32 15.20 18.99 31.00
CA GLU A 32 13.94 18.38 30.56
C GLU A 32 13.94 18.16 29.05
N LYS A 33 14.41 19.16 28.31
CA LYS A 33 14.54 19.06 26.86
C LYS A 33 15.47 17.92 26.47
N GLU A 34 16.61 17.81 27.15
CA GLU A 34 17.57 16.74 26.88
C GLU A 34 16.94 15.36 27.09
N ALA A 35 16.16 15.22 28.16
CA ALA A 35 15.49 13.98 28.48
C ALA A 35 14.45 13.61 27.42
N ILE A 36 13.76 14.61 26.88
CA ILE A 36 12.74 14.38 25.87
C ILE A 36 13.39 14.00 24.53
N VAL A 37 14.45 14.71 24.15
CA VAL A 37 15.18 14.38 22.92
C VAL A 37 15.62 12.92 22.99
N SER A 38 16.22 12.55 24.11
CA SER A 38 16.74 11.20 24.30
C SER A 38 15.61 10.16 24.24
N TYR A 39 14.46 10.50 24.83
CA TYR A 39 13.29 9.64 24.77
C TYR A 39 12.90 9.33 23.31
N THR A 40 12.94 10.33 22.44
CA THR A 40 12.51 10.11 21.07
C THR A 40 13.48 9.22 20.31
N LYS A 41 14.73 9.11 20.81
CA LYS A 41 15.73 8.19 20.26
C LYS A 41 15.67 6.79 20.88
N SER A 42 15.18 6.68 22.10
CA SER A 42 15.34 5.45 22.88
C SER A 42 14.05 4.99 23.55
N ALA A 43 12.91 5.37 22.99
CA ALA A 43 11.61 5.10 23.62
C ALA A 43 11.35 3.61 23.85
N SER A 44 11.75 2.76 22.91
CA SER A 44 11.50 1.33 23.03
C SER A 44 12.26 0.71 24.22
N GLU A 45 13.48 1.18 24.46
CA GLU A 45 14.26 0.74 25.62
C GLU A 45 13.65 1.23 26.93
N ILE A 46 13.26 2.51 26.96
CA ILE A 46 12.70 3.11 28.17
C ILE A 46 11.37 2.46 28.52
N ASN A 47 10.46 2.38 27.55
CA ASN A 47 9.14 1.82 27.78
C ASN A 47 9.21 0.31 28.03
N GLY A 48 10.17 -0.36 27.40
CA GLY A 48 10.37 -1.78 27.63
C GLY A 48 10.77 -2.08 29.06
N LYS A 49 11.68 -1.29 29.60
CA LYS A 49 12.14 -1.49 30.97
C LYS A 49 11.03 -1.14 31.96
N LEU A 50 10.23 -0.12 31.63
CA LEU A 50 9.13 0.28 32.50
C LEU A 50 8.07 -0.82 32.58
N ARG A 51 7.77 -1.43 31.45
CA ARG A 51 6.80 -2.52 31.39
C ARG A 51 7.30 -3.74 32.16
N GLN A 52 8.56 -4.09 31.91
CA GLN A 52 9.20 -5.26 32.51
C GLN A 52 9.16 -5.19 34.03
N ASN A 53 9.42 -3.99 34.56
CA ASN A 53 9.52 -3.75 36.00
C ASN A 53 8.25 -3.13 36.61
N LYS A 54 7.16 -3.11 35.85
CA LYS A 54 5.88 -2.57 36.33
C LYS A 54 6.00 -1.17 36.97
N GLY A 55 6.83 -0.31 36.37
CA GLY A 55 6.92 1.09 36.75
C GLY A 55 7.90 1.37 37.86
N VAL A 56 8.51 0.32 38.41
CA VAL A 56 9.49 0.45 39.48
C VAL A 56 10.84 0.72 38.85
N ILE A 57 11.42 1.87 39.14
CA ILE A 57 12.64 2.31 38.46
C ILE A 57 13.90 2.21 39.32
N ASN A 58 13.76 1.67 40.53
CA ASN A 58 14.85 1.63 41.51
C ASN A 58 16.10 0.94 41.01
N GLY A 59 15.91 -0.13 40.23
CA GLY A 59 17.02 -0.93 39.72
C GLY A 59 17.60 -0.46 38.40
N PHE A 60 17.04 0.61 37.84
CA PHE A 60 17.55 1.15 36.58
C PHE A 60 18.92 1.77 36.80
N PRO A 61 19.73 1.84 35.74
CA PRO A 61 20.95 2.64 35.75
C PRO A 61 20.66 4.07 36.22
N SER A 62 21.61 4.68 36.92
CA SER A 62 21.40 6.00 37.53
C SER A 62 20.94 7.07 36.53
N ASN A 63 21.49 7.04 35.32
CA ASN A 63 21.15 8.01 34.29
C ASN A 63 19.72 7.86 33.79
N LEU A 64 19.25 6.61 33.72
CA LEU A 64 17.87 6.35 33.30
C LEU A 64 16.86 6.76 34.38
N ILE A 65 17.19 6.57 35.65
CA ILE A 65 16.32 7.07 36.73
C ILE A 65 16.16 8.57 36.60
N LYS A 66 17.27 9.28 36.37
CA LYS A 66 17.23 10.73 36.25
C LYS A 66 16.39 11.15 35.05
N GLN A 67 16.52 10.42 33.95
CA GLN A 67 15.78 10.74 32.74
C GLN A 67 14.28 10.56 32.95
N VAL A 68 13.91 9.42 33.54
CA VAL A 68 12.53 9.11 33.82
C VAL A 68 11.91 10.15 34.75
N GLU A 69 12.62 10.51 35.81
CA GLU A 69 12.10 11.48 36.75
C GLU A 69 11.97 12.86 36.08
N LEU A 70 12.85 13.17 35.11
CA LEU A 70 12.76 14.42 34.37
C LEU A 70 11.57 14.45 33.42
N LEU A 71 11.32 13.33 32.75
CA LEU A 71 10.16 13.21 31.87
C LEU A 71 8.89 13.34 32.69
N ASP A 72 8.81 12.65 33.83
CA ASP A 72 7.64 12.72 34.69
C ASP A 72 7.36 14.14 35.12
N LYS A 73 8.41 14.84 35.53
CA LYS A 73 8.27 16.19 36.05
C LYS A 73 7.93 17.20 34.96
N SER A 74 8.37 16.92 33.73
CA SER A 74 8.10 17.82 32.61
C SER A 74 6.59 17.98 32.34
N PHE A 75 5.80 16.98 32.72
CA PHE A 75 4.34 17.05 32.53
C PHE A 75 3.66 18.07 33.44
N ASN A 76 4.33 18.51 34.50
CA ASN A 76 3.83 19.65 35.28
C ASN A 76 3.69 20.92 34.43
N LYS A 77 4.46 21.00 33.34
CA LYS A 77 4.42 22.13 32.40
C LYS A 77 3.61 21.85 31.13
N MET A 78 3.26 20.58 30.89
CA MET A 78 2.67 20.16 29.62
C MET A 78 1.28 19.55 29.81
N LYS A 79 0.25 20.37 29.60
CA LYS A 79 -1.14 19.93 29.67
C LYS A 79 -1.87 20.35 28.40
N THR A 80 -2.81 19.53 27.93
CA THR A 80 -3.64 19.96 26.80
C THR A 80 -4.64 21.01 27.26
N PRO A 81 -4.78 22.09 26.49
CA PRO A 81 -5.73 23.17 26.84
C PRO A 81 -7.19 22.86 26.47
N GLU A 82 -7.45 21.70 25.88
CA GLU A 82 -8.79 21.32 25.43
C GLU A 82 -8.91 19.81 25.28
N ASN A 83 -10.15 19.31 25.26
CA ASN A 83 -10.41 17.92 24.89
C ASN A 83 -9.82 17.67 23.51
N ILE A 84 -9.01 16.63 23.36
CA ILE A 84 -8.35 16.34 22.08
C ILE A 84 -8.35 14.85 21.79
N MET A 85 -8.34 14.52 20.50
CA MET A 85 -8.17 13.15 20.04
C MET A 85 -6.72 12.95 19.64
N LEU A 86 -6.13 11.85 20.11
CA LEU A 86 -4.76 11.49 19.76
C LEU A 86 -4.74 10.10 19.19
N PHE A 87 -3.71 9.80 18.40
CA PHE A 87 -3.69 8.59 17.60
C PHE A 87 -2.42 7.77 17.78
N ARG A 88 -2.59 6.46 17.64
CA ARG A 88 -1.45 5.55 17.57
C ARG A 88 -1.70 4.48 16.52
N GLY A 89 -0.63 3.97 15.96
CA GLY A 89 -0.66 2.75 15.17
C GLY A 89 0.19 1.75 15.92
N ASP A 90 -0.30 0.52 16.05
CA ASP A 90 0.41 -0.54 16.77
C ASP A 90 0.46 -1.83 15.96
N ASP A 91 1.48 -2.63 16.22
CA ASP A 91 1.64 -3.95 15.63
C ASP A 91 0.94 -4.99 16.52
N PRO A 92 0.74 -6.20 15.98
CA PRO A 92 -0.07 -7.23 16.66
C PRO A 92 0.27 -7.51 18.14
N ALA A 93 1.55 -7.46 18.50
CA ALA A 93 2.01 -7.79 19.86
C ALA A 93 1.42 -6.87 20.94
N TYR A 94 1.01 -5.67 20.54
CA TYR A 94 0.28 -4.76 21.44
C TYR A 94 -0.91 -5.45 22.12
N LEU A 95 -1.59 -6.33 21.41
CA LEU A 95 -2.74 -7.06 21.97
C LEU A 95 -2.34 -8.23 22.88
N GLY A 96 -1.06 -8.61 22.83
CA GLY A 96 -0.51 -9.70 23.63
C GLY A 96 0.27 -10.67 22.76
N THR A 97 1.11 -11.49 23.42
CA THR A 97 1.97 -12.46 22.74
C THR A 97 1.21 -13.39 21.81
N GLU A 98 0.00 -13.75 22.21
CA GLU A 98 -0.85 -14.67 21.46
C GLU A 98 -1.31 -14.14 20.10
N PHE A 99 -1.26 -12.82 19.92
CA PHE A 99 -1.65 -12.17 18.66
C PHE A 99 -0.49 -11.91 17.70
N GLN A 100 0.75 -12.06 18.17
CA GLN A 100 1.93 -11.73 17.37
C GLN A 100 1.89 -12.29 15.95
N ASN A 101 1.63 -13.59 15.84
CA ASN A 101 1.61 -14.29 14.55
C ASN A 101 0.27 -14.93 14.20
N THR A 102 -0.81 -14.38 14.77
CA THR A 102 -2.17 -14.87 14.51
C THR A 102 -3.17 -13.79 14.09
N LEU A 103 -2.82 -12.51 14.26
CA LEU A 103 -3.78 -11.44 14.03
C LEU A 103 -4.13 -11.29 12.55
N LEU A 104 -3.13 -11.43 11.70
CA LEU A 104 -3.29 -11.25 10.25
C LEU A 104 -3.17 -12.58 9.51
N ASN A 105 -4.03 -12.77 8.51
CA ASN A 105 -3.98 -13.94 7.64
C ASN A 105 -3.03 -13.70 6.47
N SER A 106 -3.00 -14.65 5.53
CA SER A 106 -2.06 -14.61 4.41
C SER A 106 -2.33 -13.48 3.41
N ASN A 107 -3.60 -13.07 3.31
CA ASN A 107 -4.01 -11.94 2.46
C ASN A 107 -3.68 -10.56 3.08
N GLY A 108 -3.17 -10.55 4.31
CA GLY A 108 -2.92 -9.31 5.04
C GLY A 108 -4.18 -8.75 5.66
N THR A 109 -5.18 -9.61 5.82
CA THR A 109 -6.48 -9.26 6.39
C THR A 109 -6.56 -9.76 7.83
N ILE A 110 -7.27 -9.01 8.67
CA ILE A 110 -7.44 -9.40 10.07
C ILE A 110 -8.22 -10.71 10.13
N ASN A 111 -7.62 -11.73 10.72
CA ASN A 111 -8.29 -12.99 11.00
C ASN A 111 -9.46 -12.79 11.96
N LYS A 112 -10.64 -13.26 11.56
CA LYS A 112 -11.88 -13.04 12.32
C LYS A 112 -11.87 -13.66 13.71
N THR A 113 -11.26 -14.84 13.85
CA THR A 113 -11.11 -15.48 15.15
C THR A 113 -10.22 -14.68 16.09
N ALA A 114 -9.14 -14.13 15.56
CA ALA A 114 -8.23 -13.28 16.35
C ALA A 114 -8.92 -11.97 16.77
N PHE A 115 -9.73 -11.41 15.88
CA PHE A 115 -10.44 -10.17 16.16
C PHE A 115 -11.46 -10.36 17.29
N GLU A 116 -12.16 -11.50 17.28
CA GLU A 116 -13.14 -11.82 18.30
C GLU A 116 -12.46 -12.06 19.64
N LYS A 117 -11.27 -12.68 19.60
CA LYS A 117 -10.50 -12.95 20.81
C LYS A 117 -9.97 -11.65 21.41
N ALA A 118 -9.61 -10.70 20.55
CA ALA A 118 -9.11 -9.39 20.98
C ALA A 118 -10.23 -8.57 21.61
N LYS A 119 -11.42 -8.66 21.04
CA LYS A 119 -12.59 -7.97 21.59
C LYS A 119 -12.97 -8.52 22.96
N ALA A 120 -12.99 -9.85 23.08
CA ALA A 120 -13.32 -10.47 24.38
C ALA A 120 -12.29 -10.09 25.42
N LYS A 121 -11.04 -9.93 24.98
CA LYS A 121 -9.95 -9.61 25.89
C LYS A 121 -9.99 -8.15 26.37
N PHE A 122 -10.35 -7.22 25.48
CA PHE A 122 -10.15 -5.77 25.74
C PHE A 122 -11.41 -4.89 25.74
N LEU A 123 -12.44 -5.26 25.01
CA LEU A 123 -13.62 -4.41 24.89
C LEU A 123 -14.28 -4.13 26.24
N ASN A 124 -14.54 -2.86 26.50
CA ASN A 124 -15.16 -2.37 27.75
C ASN A 124 -14.30 -2.62 28.98
N LYS A 125 -12.99 -2.66 28.80
CA LYS A 125 -12.07 -2.89 29.91
C LYS A 125 -11.03 -1.78 30.00
N ASP A 126 -10.48 -1.60 31.19
CA ASP A 126 -9.36 -0.71 31.40
C ASP A 126 -8.06 -1.38 31.00
N ARG A 127 -7.09 -0.56 30.64
CA ARG A 127 -5.75 -1.01 30.37
C ARG A 127 -4.78 -0.02 30.97
N LEU A 128 -3.82 -0.54 31.73
CA LEU A 128 -2.76 0.25 32.35
C LEU A 128 -1.48 0.07 31.55
N GLU A 129 -0.88 1.20 31.16
CA GLU A 129 0.35 1.20 30.40
C GLU A 129 1.47 1.72 31.29
N TYR A 130 2.48 0.89 31.52
CA TYR A 130 3.61 1.28 32.36
C TYR A 130 4.56 2.24 31.67
N GLY A 131 4.69 2.15 30.36
CA GLY A 131 5.54 3.04 29.59
C GLY A 131 4.84 4.36 29.33
N TYR A 132 5.58 5.32 28.80
CA TYR A 132 4.98 6.55 28.26
C TYR A 132 4.24 6.16 26.99
N ILE A 133 3.21 6.93 26.63
CA ILE A 133 2.47 6.70 25.40
C ILE A 133 2.78 7.80 24.38
N SER A 134 3.52 7.41 23.34
CA SER A 134 3.80 8.26 22.20
C SER A 134 2.58 8.24 21.28
N THR A 135 1.99 9.40 21.00
CA THR A 135 0.86 9.50 20.10
C THR A 135 1.12 10.56 19.05
N SER A 136 0.21 10.67 18.10
CA SER A 136 0.29 11.70 17.07
C SER A 136 -1.02 12.50 17.06
N LEU A 137 -0.96 13.75 16.61
CA LEU A 137 -2.15 14.59 16.54
C LEU A 137 -3.11 14.13 15.44
N MET A 138 -2.58 13.42 14.46
CA MET A 138 -3.38 12.78 13.42
C MET A 138 -2.87 11.36 13.19
N ASN A 139 -3.63 10.58 12.43
CA ASN A 139 -3.22 9.25 12.01
C ASN A 139 -2.17 9.36 10.90
N VAL A 140 -0.93 9.69 11.28
CA VAL A 140 0.12 10.03 10.31
C VAL A 140 0.60 8.80 9.55
N SER A 141 1.08 9.02 8.32
CA SER A 141 1.38 7.96 7.38
C SER A 141 2.36 6.91 7.91
N GLN A 142 3.35 7.34 8.68
CA GLN A 142 4.39 6.44 9.17
C GLN A 142 3.81 5.25 9.95
N PHE A 143 2.75 5.49 10.72
CA PHE A 143 2.17 4.45 11.57
C PHE A 143 0.76 4.04 11.18
N ALA A 144 0.17 4.72 10.20
CA ALA A 144 -1.24 4.52 9.88
C ALA A 144 -1.54 3.25 9.06
N GLY A 145 -0.49 2.58 8.59
CA GLY A 145 -0.61 1.31 7.90
C GLY A 145 -0.48 0.10 8.80
N ARG A 146 -0.21 0.34 10.08
CA ARG A 146 -0.14 -0.74 11.08
C ARG A 146 -1.53 -1.35 11.30
N PRO A 147 -1.58 -2.61 11.71
CA PRO A 147 -2.85 -3.34 11.84
C PRO A 147 -3.79 -2.83 12.94
N ILE A 148 -3.28 -2.11 13.93
CA ILE A 148 -4.11 -1.63 15.03
C ILE A 148 -3.97 -0.11 15.16
N ILE A 149 -5.09 0.59 14.99
CA ILE A 149 -5.16 2.04 15.14
C ILE A 149 -5.98 2.36 16.37
N THR A 150 -5.42 3.15 17.27
CA THR A 150 -6.13 3.57 18.48
C THR A 150 -6.36 5.06 18.45
N LYS A 151 -7.57 5.47 18.79
CA LYS A 151 -7.95 6.86 18.93
C LYS A 151 -8.21 7.10 20.41
N PHE A 152 -7.40 7.95 21.03
CA PHE A 152 -7.51 8.24 22.46
C PHE A 152 -8.25 9.54 22.68
N LYS A 153 -9.26 9.53 23.55
CA LYS A 153 -9.97 10.74 23.94
C LYS A 153 -9.34 11.28 25.22
N VAL A 154 -8.64 12.40 25.11
CA VAL A 154 -7.90 13.00 26.22
C VAL A 154 -8.56 14.32 26.65
N ALA A 155 -8.96 14.39 27.92
CA ALA A 155 -9.73 15.54 28.42
C ALA A 155 -8.88 16.77 28.63
N LYS A 156 -9.51 17.93 28.43
CA LYS A 156 -8.94 19.22 28.78
C LYS A 156 -8.30 19.15 30.17
N GLY A 157 -7.08 19.67 30.26
CA GLY A 157 -6.34 19.75 31.51
C GLY A 157 -5.44 18.56 31.78
N SER A 158 -5.54 17.52 30.96
CA SER A 158 -4.74 16.31 31.14
C SER A 158 -3.29 16.55 30.78
N LYS A 159 -2.40 15.81 31.42
CA LYS A 159 -0.99 15.82 31.07
C LYS A 159 -0.82 15.29 29.65
N ALA A 160 -0.23 16.12 28.80
CA ALA A 160 -0.01 15.82 27.39
C ALA A 160 0.90 16.90 26.81
N GLY A 161 1.93 16.51 26.07
CA GLY A 161 2.92 17.45 25.58
C GLY A 161 3.29 17.27 24.12
N TYR A 162 3.15 18.33 23.34
CA TYR A 162 3.62 18.34 21.95
C TYR A 162 5.14 18.49 21.92
N ILE A 163 5.84 17.36 21.79
CA ILE A 163 7.31 17.32 21.84
C ILE A 163 7.95 17.26 20.45
N ASP A 164 7.12 17.29 19.42
CA ASP A 164 7.60 17.18 18.05
C ASP A 164 8.74 18.14 17.67
N PRO A 165 8.70 19.41 18.10
CA PRO A 165 9.75 20.36 17.71
C PRO A 165 11.17 19.98 18.14
N ILE A 166 11.31 19.19 19.22
CA ILE A 166 12.64 18.73 19.65
C ILE A 166 12.85 17.22 19.46
N SER A 167 11.90 16.54 18.82
CA SER A 167 12.09 15.13 18.48
C SER A 167 13.22 14.95 17.48
N ALA A 168 13.92 13.83 17.61
CA ALA A 168 14.98 13.45 16.67
C ALA A 168 14.43 12.95 15.33
N PHE A 169 13.12 12.73 15.25
CA PHE A 169 12.49 12.15 14.06
C PHE A 169 11.37 13.01 13.51
N ALA A 170 11.20 12.95 12.19
CA ALA A 170 10.29 13.83 11.46
C ALA A 170 8.97 13.14 11.12
N GLY A 171 7.94 13.96 10.93
CA GLY A 171 6.64 13.51 10.43
C GLY A 171 5.71 12.82 11.40
N GLN A 172 5.98 12.91 12.70
CA GLN A 172 5.21 12.15 13.68
C GLN A 172 4.12 12.93 14.43
N LEU A 173 4.14 14.26 14.35
CA LEU A 173 3.20 15.13 15.05
C LEU A 173 3.02 14.67 16.49
N GLU A 174 4.15 14.44 17.17
CA GLU A 174 4.15 13.66 18.41
C GLU A 174 3.64 14.43 19.62
N MET A 175 2.62 13.86 20.27
CA MET A 175 2.13 14.31 21.56
C MET A 175 2.43 13.19 22.54
N LEU A 176 3.21 13.48 23.58
CA LEU A 176 3.58 12.47 24.55
C LEU A 176 2.62 12.50 25.73
N LEU A 177 2.24 11.32 26.20
CA LEU A 177 1.42 11.18 27.40
C LEU A 177 2.26 10.52 28.50
N PRO A 178 1.96 10.85 29.75
CA PRO A 178 2.75 10.33 30.87
C PRO A 178 2.65 8.81 31.02
N ARG A 179 3.65 8.26 31.69
CA ARG A 179 3.68 6.83 32.00
C ARG A 179 2.70 6.46 33.10
N HIS A 180 2.44 5.17 33.24
CA HIS A 180 1.49 4.64 34.24
C HIS A 180 0.08 5.21 34.05
N SER A 181 -0.32 5.39 32.79
CA SER A 181 -1.65 5.91 32.46
C SER A 181 -2.61 4.76 32.23
N THR A 182 -3.88 5.00 32.54
CA THR A 182 -4.95 4.06 32.33
C THR A 182 -5.94 4.60 31.32
N TYR A 183 -6.35 3.76 30.38
CA TYR A 183 -7.40 4.13 29.43
C TYR A 183 -8.42 3.00 29.32
N HIS A 184 -9.62 3.36 28.89
CA HIS A 184 -10.74 2.44 28.79
C HIS A 184 -11.08 2.22 27.32
N ILE A 185 -11.13 0.96 26.89
CA ILE A 185 -11.45 0.65 25.51
C ILE A 185 -12.97 0.67 25.35
N ASP A 186 -13.47 1.68 24.63
CA ASP A 186 -14.90 1.91 24.45
C ASP A 186 -15.48 1.14 23.25
N ASP A 187 -14.66 0.99 22.22
CA ASP A 187 -15.12 0.45 20.94
C ASP A 187 -13.97 -0.22 20.19
N MET A 188 -14.28 -1.33 19.52
CA MET A 188 -13.32 -2.04 18.68
C MET A 188 -14.07 -2.59 17.47
N ARG A 189 -13.64 -2.20 16.27
CA ARG A 189 -14.24 -2.68 15.03
C ARG A 189 -13.21 -2.85 13.92
N LEU A 190 -13.54 -3.70 12.95
CA LEU A 190 -12.71 -3.83 11.76
C LEU A 190 -12.94 -2.63 10.86
N SER A 191 -11.93 -2.29 10.06
CA SER A 191 -12.03 -1.21 9.10
C SER A 191 -12.89 -1.68 7.93
N SER A 192 -13.18 -0.77 7.00
CA SER A 192 -14.04 -1.09 5.85
C SER A 192 -13.47 -2.24 5.01
N ASP A 193 -12.16 -2.23 4.79
CA ASP A 193 -11.48 -3.23 3.97
C ASP A 193 -10.98 -4.45 4.76
N GLY A 194 -11.19 -4.44 6.08
CA GLY A 194 -10.86 -5.58 6.92
C GLY A 194 -9.39 -5.76 7.26
N LYS A 195 -8.56 -4.75 6.98
CA LYS A 195 -7.11 -4.85 7.18
C LYS A 195 -6.66 -4.33 8.55
N GLN A 196 -7.54 -3.62 9.25
CA GLN A 196 -7.17 -2.95 10.50
C GLN A 196 -8.25 -3.08 11.58
N ILE A 197 -7.80 -3.07 12.84
CA ILE A 197 -8.71 -2.96 13.98
C ILE A 197 -8.64 -1.51 14.46
N ILE A 198 -9.77 -0.82 14.47
CA ILE A 198 -9.88 0.55 14.96
C ILE A 198 -10.42 0.53 16.38
N ILE A 199 -9.62 1.03 17.32
CA ILE A 199 -9.97 1.06 18.72
C ILE A 199 -10.21 2.50 19.13
N THR A 200 -11.30 2.74 19.85
CA THR A 200 -11.58 4.04 20.46
C THR A 200 -11.47 3.86 21.96
N ALA A 201 -10.67 4.71 22.60
CA ALA A 201 -10.43 4.62 24.03
C ALA A 201 -10.54 5.99 24.68
N THR A 202 -10.92 5.99 25.95
CA THR A 202 -10.96 7.21 26.76
C THR A 202 -9.81 7.17 27.75
N MET A 203 -8.95 8.18 27.68
CA MET A 203 -7.82 8.31 28.59
C MET A 203 -8.32 8.78 29.95
N MET A 204 -7.96 8.05 31.00
CA MET A 204 -8.34 8.43 32.35
C MET A 204 -7.29 9.40 32.91
N GLY A 205 -6.04 8.95 32.90
CA GLY A 205 -4.93 9.73 33.45
C GLY A 205 -3.84 8.87 34.07
N THR A 206 -2.84 9.52 34.65
CA THR A 206 -1.64 8.84 35.18
C THR A 206 -1.58 8.83 36.71
N ALA A 207 -0.89 7.82 37.25
CA ALA A 207 -0.66 7.69 38.69
C ALA A 207 0.63 8.41 39.14
N ILE A 208 1.47 8.78 38.17
CA ILE A 208 2.73 9.49 38.45
C ILE A 208 2.49 11.00 38.42
N ASN A 209 2.43 11.62 39.59
CA ASN A 209 2.18 13.05 39.70
C ASN A 209 3.12 13.71 40.71
N PRO A 210 4.39 13.89 40.35
CA PRO A 210 5.35 14.57 41.21
C PRO A 210 5.04 16.06 41.36
N LYS A 211 5.37 16.64 42.52
CA LYS A 211 4.95 17.98 42.90
C LYS A 211 3.42 18.07 42.99
N ASN B 4 -0.95 -33.64 -5.46
CA ASN B 4 -0.19 -32.70 -6.34
C ASN B 4 -0.52 -32.88 -7.82
N THR B 5 -1.07 -34.05 -8.18
CA THR B 5 -1.37 -34.38 -9.58
C THR B 5 -2.88 -34.32 -9.88
N TYR B 6 -3.24 -33.48 -10.85
CA TYR B 6 -4.65 -33.22 -11.18
C TYR B 6 -4.96 -33.68 -12.61
N GLN B 7 -5.97 -34.55 -12.71
CA GLN B 7 -6.46 -35.04 -14.00
C GLN B 7 -6.93 -33.88 -14.88
N GLU B 8 -6.31 -33.75 -16.06
CA GLU B 8 -6.80 -32.83 -17.07
C GLU B 8 -7.28 -33.62 -18.28
N PHE B 9 -8.57 -33.49 -18.58
CA PHE B 9 -9.17 -34.18 -19.70
C PHE B 9 -8.72 -33.53 -21.01
N THR B 10 -8.42 -34.36 -22.01
CA THR B 10 -7.86 -33.89 -23.27
C THR B 10 -8.73 -34.18 -24.48
N ASN B 11 -9.82 -34.91 -24.29
CA ASN B 11 -10.77 -35.15 -25.38
C ASN B 11 -12.20 -35.24 -24.84
N ILE B 12 -13.15 -34.78 -25.65
CA ILE B 12 -14.54 -34.63 -25.19
C ILE B 12 -15.18 -35.97 -24.83
N ASP B 13 -14.95 -36.99 -25.66
CA ASP B 13 -15.50 -38.33 -25.39
C ASP B 13 -15.11 -38.80 -24.00
N GLN B 14 -13.83 -38.67 -23.66
CA GLN B 14 -13.28 -39.08 -22.38
C GLN B 14 -13.92 -38.28 -21.24
N ALA B 15 -14.06 -36.98 -21.45
CA ALA B 15 -14.64 -36.09 -20.44
C ALA B 15 -16.10 -36.40 -20.20
N LYS B 16 -16.86 -36.59 -21.28
CA LYS B 16 -18.28 -36.90 -21.19
C LYS B 16 -18.52 -38.23 -20.50
N ALA B 17 -17.68 -39.23 -20.81
CA ALA B 17 -17.82 -40.56 -20.22
C ALA B 17 -17.59 -40.50 -18.72
N TRP B 18 -16.56 -39.76 -18.31
CA TRP B 18 -16.25 -39.57 -16.90
C TRP B 18 -17.40 -38.87 -16.18
N GLY B 19 -17.91 -37.82 -16.80
CA GLY B 19 -19.01 -37.05 -16.25
C GLY B 19 -20.28 -37.87 -16.09
N ASN B 20 -20.62 -38.64 -17.12
CA ASN B 20 -21.78 -39.53 -17.09
C ASN B 20 -21.65 -40.55 -15.95
N ALA B 21 -20.43 -41.03 -15.73
CA ALA B 21 -20.18 -42.02 -14.69
C ALA B 21 -20.39 -41.42 -13.31
N GLN B 22 -20.00 -40.16 -13.13
CA GLN B 22 -20.23 -39.46 -11.88
C GLN B 22 -21.72 -39.19 -11.68
N TYR B 23 -22.40 -38.74 -12.74
CA TYR B 23 -23.80 -38.38 -12.64
C TYR B 23 -24.68 -39.57 -12.26
N LYS B 24 -24.29 -40.75 -12.72
CA LYS B 24 -25.03 -41.99 -12.49
C LYS B 24 -25.21 -42.30 -11.00
N LYS B 25 -24.22 -41.95 -10.19
CA LYS B 25 -24.25 -42.24 -8.75
C LYS B 25 -24.65 -41.06 -7.86
N TYR B 26 -25.18 -39.98 -8.44
CA TYR B 26 -25.64 -38.83 -7.65
C TYR B 26 -26.96 -39.13 -6.95
N GLY B 27 -27.97 -39.48 -7.74
CA GLY B 27 -29.31 -39.71 -7.23
C GLY B 27 -30.00 -38.43 -6.78
N LEU B 28 -29.94 -37.38 -7.60
CA LEU B 28 -30.62 -36.12 -7.31
C LEU B 28 -32.13 -36.29 -7.26
N SER B 29 -32.79 -35.46 -6.46
CA SER B 29 -34.24 -35.46 -6.35
C SER B 29 -34.84 -34.58 -7.44
N LYS B 30 -36.14 -34.73 -7.67
CA LYS B 30 -36.87 -33.91 -8.63
C LYS B 30 -36.69 -32.42 -8.34
N SER B 31 -36.73 -32.06 -7.07
CA SER B 31 -36.60 -30.67 -6.65
C SER B 31 -35.18 -30.13 -6.86
N GLU B 32 -34.18 -30.96 -6.57
CA GLU B 32 -32.77 -30.57 -6.73
C GLU B 32 -32.43 -30.37 -8.21
N LYS B 33 -33.00 -31.21 -9.08
CA LYS B 33 -32.78 -31.10 -10.52
C LYS B 33 -33.50 -29.88 -11.09
N GLU B 34 -34.64 -29.53 -10.51
CA GLU B 34 -35.40 -28.37 -10.95
C GLU B 34 -34.63 -27.09 -10.63
N ALA B 35 -33.98 -27.07 -9.47
CA ALA B 35 -33.20 -25.92 -9.04
C ALA B 35 -31.99 -25.72 -9.94
N ILE B 36 -31.35 -26.82 -10.35
CA ILE B 36 -30.18 -26.76 -11.23
C ILE B 36 -30.59 -26.29 -12.63
N VAL B 37 -31.72 -26.77 -13.15
CA VAL B 37 -32.22 -26.31 -14.44
C VAL B 37 -32.44 -24.81 -14.43
N SER B 38 -33.06 -24.31 -13.35
CA SER B 38 -33.29 -22.89 -13.16
C SER B 38 -31.96 -22.13 -13.16
N TYR B 39 -30.97 -22.69 -12.46
CA TYR B 39 -29.65 -22.06 -12.41
C TYR B 39 -29.07 -21.92 -13.83
N THR B 40 -29.18 -22.97 -14.63
CA THR B 40 -28.60 -22.96 -15.98
C THR B 40 -29.27 -21.95 -16.90
N LYS B 41 -30.53 -21.63 -16.62
CA LYS B 41 -31.27 -20.62 -17.38
C LYS B 41 -30.86 -19.19 -17.02
N SER B 42 -30.64 -18.94 -15.74
CA SER B 42 -30.45 -17.58 -15.23
C SER B 42 -29.43 -17.52 -14.10
N ALA B 43 -28.20 -17.94 -14.39
CA ALA B 43 -27.12 -17.90 -13.42
C ALA B 43 -26.71 -16.46 -13.07
N SER B 44 -27.01 -15.51 -13.96
CA SER B 44 -26.63 -14.11 -13.74
C SER B 44 -27.44 -13.45 -12.61
N GLU B 45 -28.72 -13.76 -12.54
CA GLU B 45 -29.60 -13.20 -11.51
C GLU B 45 -29.26 -13.75 -10.12
N ILE B 46 -29.11 -15.07 -10.02
CA ILE B 46 -28.84 -15.70 -8.71
C ILE B 46 -27.45 -15.36 -8.16
N ASN B 47 -26.44 -15.38 -9.03
CA ASN B 47 -25.05 -15.08 -8.62
C ASN B 47 -24.88 -13.59 -8.33
N GLY B 48 -25.52 -12.75 -9.14
CA GLY B 48 -25.50 -11.32 -8.94
C GLY B 48 -26.10 -10.90 -7.61
N LYS B 49 -27.16 -11.58 -7.20
CA LYS B 49 -27.83 -11.29 -5.93
C LYS B 49 -27.02 -11.78 -4.74
N LEU B 50 -26.35 -12.92 -4.90
CA LEU B 50 -25.51 -13.47 -3.85
C LEU B 50 -24.28 -12.57 -3.58
N ARG B 51 -23.80 -11.91 -4.63
CA ARG B 51 -22.64 -11.00 -4.52
C ARG B 51 -23.03 -9.71 -3.83
N GLN B 52 -24.14 -9.13 -4.25
CA GLN B 52 -24.63 -7.86 -3.70
C GLN B 52 -24.89 -7.97 -2.20
N ASN B 53 -25.42 -9.10 -1.77
CA ASN B 53 -25.81 -9.32 -0.38
C ASN B 53 -24.80 -10.16 0.41
N LYS B 54 -23.67 -10.46 -0.22
CA LYS B 54 -22.58 -11.20 0.43
C LYS B 54 -23.02 -12.54 1.03
N GLY B 55 -23.88 -13.26 0.32
CA GLY B 55 -24.29 -14.60 0.70
C GLY B 55 -25.45 -14.66 1.67
N VAL B 56 -26.06 -13.51 1.95
CA VAL B 56 -27.20 -13.43 2.86
C VAL B 56 -28.47 -13.58 2.04
N ILE B 57 -29.19 -14.68 2.27
CA ILE B 57 -30.35 -15.03 1.46
C ILE B 57 -31.69 -14.66 2.12
N ASN B 58 -31.65 -14.05 3.30
CA ASN B 58 -32.87 -13.73 4.04
C ASN B 58 -33.80 -12.75 3.33
N GLY B 59 -33.21 -11.76 2.63
CA GLY B 59 -33.97 -10.72 1.96
C GLY B 59 -34.34 -11.02 0.51
N PHE B 60 -34.28 -12.29 0.12
CA PHE B 60 -34.63 -12.70 -1.24
C PHE B 60 -36.07 -13.20 -1.28
N PRO B 61 -36.70 -13.15 -2.45
CA PRO B 61 -38.02 -13.77 -2.66
C PRO B 61 -38.07 -15.23 -2.19
N SER B 62 -39.25 -15.71 -1.82
CA SER B 62 -39.41 -17.05 -1.26
C SER B 62 -38.95 -18.17 -2.20
N ASN B 63 -39.23 -18.02 -3.49
CA ASN B 63 -38.84 -19.02 -4.49
C ASN B 63 -37.34 -19.05 -4.78
N LEU B 64 -36.65 -17.93 -4.55
CA LEU B 64 -35.21 -17.86 -4.73
C LEU B 64 -34.45 -18.50 -3.56
N ILE B 65 -34.96 -18.31 -2.35
CA ILE B 65 -34.36 -18.90 -1.14
C ILE B 65 -34.49 -20.41 -1.17
N LYS B 66 -35.58 -20.90 -1.76
CA LYS B 66 -35.83 -22.32 -1.92
C LYS B 66 -34.86 -22.93 -2.93
N GLN B 67 -34.57 -22.18 -3.99
CA GLN B 67 -33.64 -22.62 -5.03
C GLN B 67 -32.22 -22.73 -4.50
N VAL B 68 -31.79 -21.72 -3.74
CA VAL B 68 -30.44 -21.66 -3.19
C VAL B 68 -30.19 -22.81 -2.22
N GLU B 69 -31.18 -23.10 -1.37
CA GLU B 69 -31.06 -24.17 -0.38
C GLU B 69 -31.01 -25.55 -1.03
N LEU B 70 -31.71 -25.70 -2.16
CA LEU B 70 -31.74 -26.97 -2.89
C LEU B 70 -30.43 -27.20 -3.65
N LEU B 71 -29.87 -26.14 -4.21
CA LEU B 71 -28.56 -26.20 -4.87
C LEU B 71 -27.47 -26.58 -3.88
N ASP B 72 -27.45 -25.91 -2.72
CA ASP B 72 -26.48 -26.20 -1.67
C ASP B 72 -26.54 -27.66 -1.23
N LYS B 73 -27.77 -28.16 -1.05
CA LYS B 73 -27.97 -29.52 -0.56
C LYS B 73 -27.62 -30.56 -1.62
N SER B 74 -27.76 -30.20 -2.89
CA SER B 74 -27.47 -31.13 -3.98
C SER B 74 -26.00 -31.52 -4.00
N PHE B 75 -25.13 -30.60 -3.53
CA PHE B 75 -23.69 -30.85 -3.49
C PHE B 75 -23.26 -31.93 -2.49
N ASN B 76 -24.16 -32.34 -1.58
CA ASN B 76 -23.92 -33.50 -0.72
C ASN B 76 -23.85 -34.80 -1.51
N LYS B 77 -24.47 -34.81 -2.69
CA LYS B 77 -24.49 -35.98 -3.58
C LYS B 77 -23.48 -35.87 -4.72
N MET B 78 -22.83 -34.71 -4.86
CA MET B 78 -21.98 -34.43 -6.03
C MET B 78 -20.57 -34.03 -5.62
N LYS B 79 -19.67 -35.00 -5.63
CA LYS B 79 -18.28 -34.79 -5.29
C LYS B 79 -17.37 -35.50 -6.28
N THR B 80 -16.21 -34.91 -6.55
CA THR B 80 -15.26 -35.51 -7.48
C THR B 80 -14.47 -36.62 -6.79
N PRO B 81 -14.33 -37.78 -7.43
CA PRO B 81 -13.61 -38.90 -6.83
C PRO B 81 -12.09 -38.77 -6.91
N GLU B 82 -11.60 -37.77 -7.65
CA GLU B 82 -10.17 -37.52 -7.82
C GLU B 82 -9.87 -36.04 -7.97
N ASN B 83 -8.58 -35.71 -7.87
CA ASN B 83 -8.07 -34.39 -8.24
C ASN B 83 -8.39 -34.14 -9.72
N ILE B 84 -8.97 -32.98 -10.05
CA ILE B 84 -9.29 -32.63 -11.44
C ILE B 84 -8.97 -31.17 -11.75
N MET B 85 -8.75 -30.89 -13.03
CA MET B 85 -8.58 -29.54 -13.53
C MET B 85 -9.89 -29.08 -14.16
N LEU B 86 -10.39 -27.92 -13.74
CA LEU B 86 -11.57 -27.31 -14.32
C LEU B 86 -11.20 -25.96 -14.90
N PHE B 87 -12.02 -25.50 -15.85
CA PHE B 87 -11.74 -24.30 -16.63
C PHE B 87 -12.86 -23.30 -16.55
N ARG B 88 -12.49 -22.03 -16.70
CA ARG B 88 -13.47 -20.95 -16.76
C ARG B 88 -12.96 -19.82 -17.62
N GLY B 89 -13.82 -19.27 -18.47
CA GLY B 89 -13.54 -18.06 -19.20
C GLY B 89 -14.29 -16.89 -18.59
N ASP B 90 -13.59 -15.78 -18.37
CA ASP B 90 -14.19 -14.58 -17.81
C ASP B 90 -13.93 -13.35 -18.66
N ASP B 91 -14.85 -12.40 -18.58
CA ASP B 91 -14.72 -11.10 -19.21
C ASP B 91 -14.02 -10.14 -18.24
N PRO B 92 -13.56 -8.98 -18.73
CA PRO B 92 -12.75 -8.07 -17.90
C PRO B 92 -13.36 -7.64 -16.57
N ALA B 93 -14.68 -7.51 -16.48
CA ALA B 93 -15.34 -7.09 -15.24
C ALA B 93 -15.08 -8.03 -14.04
N TYR B 94 -14.67 -9.27 -14.32
CA TYR B 94 -14.26 -10.21 -13.28
C TYR B 94 -13.16 -9.64 -12.38
N LEU B 95 -12.25 -8.86 -12.94
CA LEU B 95 -11.14 -8.29 -12.17
C LEU B 95 -11.51 -7.01 -11.40
N GLY B 96 -12.67 -6.44 -11.73
CA GLY B 96 -13.19 -5.26 -11.04
C GLY B 96 -13.67 -4.20 -12.01
N THR B 97 -14.37 -3.19 -11.50
CA THR B 97 -14.96 -2.16 -12.36
C THR B 97 -13.90 -1.36 -13.09
N GLU B 98 -12.73 -1.23 -12.46
CA GLU B 98 -11.61 -0.48 -13.02
C GLU B 98 -10.94 -1.19 -14.20
N PHE B 99 -11.27 -2.46 -14.40
CA PHE B 99 -10.73 -3.25 -15.53
C PHE B 99 -11.74 -3.48 -16.66
N GLN B 100 -13.02 -3.24 -16.41
CA GLN B 100 -14.07 -3.49 -17.41
C GLN B 100 -13.73 -2.90 -18.77
N ASN B 101 -13.30 -1.64 -18.77
CA ASN B 101 -13.05 -0.88 -19.99
C ASN B 101 -11.57 -0.55 -20.24
N THR B 102 -10.67 -1.15 -19.45
CA THR B 102 -9.24 -0.90 -19.58
C THR B 102 -8.40 -2.14 -19.89
N LEU B 103 -8.91 -3.33 -19.61
CA LEU B 103 -8.09 -4.53 -19.72
C LEU B 103 -7.61 -4.77 -21.15
N LEU B 104 -8.50 -4.52 -22.12
CA LEU B 104 -8.19 -4.75 -23.52
C LEU B 104 -7.98 -3.42 -24.24
N ASN B 105 -6.94 -3.35 -25.05
CA ASN B 105 -6.78 -2.27 -26.02
C ASN B 105 -7.80 -2.47 -27.15
N SER B 106 -8.05 -1.43 -27.93
CA SER B 106 -9.02 -1.51 -29.03
C SER B 106 -8.62 -2.55 -30.08
N ASN B 107 -7.33 -2.82 -30.21
CA ASN B 107 -6.81 -3.82 -31.16
C ASN B 107 -6.82 -5.28 -30.65
N GLY B 108 -7.38 -5.49 -29.46
CA GLY B 108 -7.58 -6.84 -28.94
C GLY B 108 -6.48 -7.37 -28.04
N THR B 109 -5.39 -6.62 -27.91
CA THR B 109 -4.27 -7.02 -27.07
C THR B 109 -4.53 -6.58 -25.63
N ILE B 110 -4.22 -7.44 -24.67
CA ILE B 110 -4.30 -7.05 -23.27
C ILE B 110 -3.34 -5.89 -23.03
N ASN B 111 -3.85 -4.82 -22.42
CA ASN B 111 -3.03 -3.68 -22.06
C ASN B 111 -2.05 -4.09 -20.96
N LYS B 112 -0.77 -3.84 -21.20
CA LYS B 112 0.30 -4.29 -20.29
C LYS B 112 0.22 -3.62 -18.92
N THR B 113 -0.11 -2.34 -18.88
CA THR B 113 -0.29 -1.63 -17.63
C THR B 113 -1.44 -2.23 -16.83
N ALA B 114 -2.56 -2.51 -17.50
CA ALA B 114 -3.74 -3.11 -16.86
C ALA B 114 -3.41 -4.49 -16.31
N PHE B 115 -2.65 -5.27 -17.07
CA PHE B 115 -2.23 -6.61 -16.65
C PHE B 115 -1.38 -6.52 -15.38
N GLU B 116 -0.46 -5.55 -15.33
CA GLU B 116 0.41 -5.42 -14.16
C GLU B 116 -0.40 -5.05 -12.91
N LYS B 117 -1.42 -4.21 -13.08
CA LYS B 117 -2.28 -3.82 -11.97
C LYS B 117 -3.22 -4.95 -11.56
N ALA B 118 -3.61 -5.78 -12.53
CA ALA B 118 -4.45 -6.95 -12.24
C ALA B 118 -3.67 -7.94 -11.38
N LYS B 119 -2.39 -8.11 -11.69
CA LYS B 119 -1.52 -8.98 -10.91
C LYS B 119 -1.32 -8.46 -9.49
N ALA B 120 -1.08 -7.16 -9.35
CA ALA B 120 -0.90 -6.56 -8.03
C ALA B 120 -2.14 -6.80 -7.18
N LYS B 121 -3.30 -6.73 -7.83
CA LYS B 121 -4.57 -6.92 -7.14
C LYS B 121 -4.80 -8.35 -6.68
N PHE B 122 -4.48 -9.33 -7.53
CA PHE B 122 -4.94 -10.72 -7.31
C PHE B 122 -3.86 -11.81 -7.15
N LEU B 123 -2.64 -11.55 -7.60
CA LEU B 123 -1.60 -12.59 -7.62
C LEU B 123 -1.23 -13.04 -6.21
N ASN B 124 -1.21 -14.36 -6.01
CA ASN B 124 -0.91 -14.96 -4.71
C ASN B 124 -1.84 -14.48 -3.60
N LYS B 125 -3.12 -14.30 -3.95
CA LYS B 125 -4.15 -13.90 -3.00
C LYS B 125 -5.29 -14.91 -3.02
N ASP B 126 -5.95 -15.07 -1.88
CA ASP B 126 -7.21 -15.79 -1.80
C ASP B 126 -8.31 -14.90 -2.35
N ARG B 127 -9.31 -15.52 -2.99
CA ARG B 127 -10.49 -14.81 -3.46
C ARG B 127 -11.73 -15.63 -3.10
N LEU B 128 -12.67 -15.01 -2.40
CA LEU B 128 -13.94 -15.61 -2.03
C LEU B 128 -15.00 -15.21 -3.06
N GLU B 129 -15.75 -16.19 -3.54
CA GLU B 129 -16.81 -15.98 -4.52
C GLU B 129 -18.15 -16.33 -3.88
N TYR B 130 -19.05 -15.35 -3.81
CA TYR B 130 -20.34 -15.54 -3.14
C TYR B 130 -21.32 -16.33 -4.01
N GLY B 131 -21.23 -16.15 -5.32
CA GLY B 131 -22.04 -16.89 -6.27
C GLY B 131 -21.55 -18.33 -6.43
N TYR B 132 -22.32 -19.13 -7.16
CA TYR B 132 -21.86 -20.46 -7.58
C TYR B 132 -20.86 -20.25 -8.71
N ILE B 133 -19.97 -21.21 -8.91
CA ILE B 133 -18.98 -21.10 -10.00
C ILE B 133 -19.23 -22.15 -11.07
N SER B 134 -19.65 -21.68 -12.25
CA SER B 134 -19.81 -22.54 -13.41
C SER B 134 -18.44 -22.72 -14.06
N THR B 135 -18.04 -23.97 -14.25
CA THR B 135 -16.77 -24.30 -14.89
C THR B 135 -17.01 -25.38 -15.95
N SER B 136 -15.95 -25.78 -16.64
CA SER B 136 -16.00 -26.81 -17.67
C SER B 136 -14.84 -27.80 -17.49
N LEU B 137 -15.04 -29.05 -17.92
CA LEU B 137 -14.00 -30.08 -17.81
C LEU B 137 -12.85 -29.86 -18.78
N MET B 138 -13.09 -29.09 -19.83
CA MET B 138 -12.05 -28.66 -20.75
C MET B 138 -12.27 -27.18 -21.06
N ASN B 139 -11.27 -26.57 -21.71
CA ASN B 139 -11.39 -25.20 -22.18
C ASN B 139 -12.28 -25.18 -23.43
N VAL B 140 -13.57 -25.35 -23.22
CA VAL B 140 -14.52 -25.57 -24.30
C VAL B 140 -14.73 -24.29 -25.10
N SER B 141 -15.04 -24.46 -26.38
CA SER B 141 -15.02 -23.38 -27.35
C SER B 141 -15.92 -22.19 -27.02
N GLN B 142 -17.04 -22.42 -26.32
CA GLN B 142 -18.00 -21.35 -26.06
C GLN B 142 -17.38 -20.20 -25.27
N PHE B 143 -16.50 -20.53 -24.34
CA PHE B 143 -15.89 -19.55 -23.43
C PHE B 143 -14.37 -19.41 -23.60
N ALA B 144 -13.78 -20.18 -24.51
CA ALA B 144 -12.33 -20.20 -24.69
C ALA B 144 -11.76 -18.91 -25.31
N GLY B 145 -12.64 -18.13 -25.94
CA GLY B 145 -12.25 -16.87 -26.57
C GLY B 145 -12.32 -15.66 -25.66
N ARG B 146 -12.73 -15.86 -24.41
CA ARG B 146 -12.82 -14.76 -23.45
C ARG B 146 -11.40 -14.34 -23.02
N PRO B 147 -11.24 -13.09 -22.59
CA PRO B 147 -9.89 -12.56 -22.31
C PRO B 147 -9.20 -13.13 -21.07
N ILE B 148 -9.94 -13.77 -20.18
CA ILE B 148 -9.35 -14.36 -18.97
C ILE B 148 -9.73 -15.84 -18.92
N ILE B 149 -8.74 -16.72 -18.87
CA ILE B 149 -8.98 -18.15 -18.73
C ILE B 149 -8.38 -18.61 -17.42
N THR B 150 -9.20 -19.22 -16.57
CA THR B 150 -8.72 -19.78 -15.30
C THR B 150 -8.71 -21.30 -15.35
N LYS B 151 -7.64 -21.88 -14.84
CA LYS B 151 -7.50 -23.30 -14.62
C LYS B 151 -7.53 -23.55 -13.11
N PHE B 152 -8.62 -24.15 -12.64
CA PHE B 152 -8.81 -24.44 -11.22
C PHE B 152 -8.32 -25.84 -10.89
N LYS B 153 -7.50 -25.96 -9.86
CA LYS B 153 -7.07 -27.25 -9.35
C LYS B 153 -8.03 -27.63 -8.23
N VAL B 154 -8.88 -28.61 -8.48
CA VAL B 154 -9.93 -29.04 -7.54
C VAL B 154 -9.58 -30.42 -6.96
N ALA B 155 -9.51 -30.50 -5.64
CA ALA B 155 -9.01 -31.69 -4.95
C ALA B 155 -10.05 -32.81 -4.88
N LYS B 156 -9.54 -34.04 -4.79
CA LYS B 156 -10.37 -35.22 -4.56
C LYS B 156 -11.26 -35.00 -3.35
N GLY B 157 -12.53 -35.39 -3.49
CA GLY B 157 -13.50 -35.26 -2.42
C GLY B 157 -14.23 -33.93 -2.37
N SER B 158 -13.84 -32.98 -3.23
CA SER B 158 -14.43 -31.64 -3.25
C SER B 158 -15.81 -31.66 -3.89
N LYS B 159 -16.66 -30.74 -3.45
CA LYS B 159 -17.99 -30.56 -4.03
C LYS B 159 -17.87 -30.06 -5.47
N ALA B 160 -18.37 -30.87 -6.41
CA ALA B 160 -18.35 -30.54 -7.83
C ALA B 160 -19.32 -31.44 -8.58
N GLY B 161 -20.14 -30.85 -9.45
CA GLY B 161 -21.21 -31.59 -10.12
C GLY B 161 -21.26 -31.47 -11.64
N TYR B 162 -21.31 -32.61 -12.31
CA TYR B 162 -21.46 -32.68 -13.76
C TYR B 162 -22.94 -32.54 -14.10
N ILE B 163 -23.33 -31.39 -14.67
CA ILE B 163 -24.76 -31.08 -14.77
C ILE B 163 -25.37 -31.12 -16.18
N ASP B 164 -24.60 -31.61 -17.16
CA ASP B 164 -25.14 -31.74 -18.52
C ASP B 164 -26.37 -32.65 -18.58
N PRO B 165 -26.37 -33.79 -17.88
CA PRO B 165 -27.53 -34.68 -17.86
C PRO B 165 -28.82 -34.07 -17.26
N ILE B 166 -28.67 -32.99 -16.50
CA ILE B 166 -29.80 -32.34 -15.84
C ILE B 166 -30.50 -31.30 -16.73
N SER B 167 -29.73 -30.58 -17.54
CA SER B 167 -30.26 -29.45 -18.29
C SER B 167 -29.53 -29.21 -19.62
N ALA B 168 -30.30 -29.08 -20.71
CA ALA B 168 -29.74 -28.79 -22.02
C ALA B 168 -29.25 -27.34 -22.12
N PHE B 169 -29.62 -26.51 -21.16
CA PHE B 169 -29.11 -25.14 -21.06
C PHE B 169 -27.70 -25.09 -20.49
N ALA B 170 -27.24 -26.18 -19.89
CA ALA B 170 -25.89 -26.27 -19.34
C ALA B 170 -24.85 -26.17 -20.46
N GLY B 171 -23.73 -25.53 -20.16
CA GLY B 171 -22.62 -25.47 -21.09
C GLY B 171 -22.06 -26.86 -21.32
N GLN B 172 -21.30 -26.99 -22.41
CA GLN B 172 -20.62 -28.22 -22.74
C GLN B 172 -19.65 -28.61 -21.61
N LEU B 173 -19.80 -29.83 -21.10
CA LEU B 173 -18.97 -30.37 -20.03
C LEU B 173 -18.96 -29.50 -18.78
N GLU B 174 -20.11 -28.94 -18.43
CA GLU B 174 -20.19 -28.03 -17.29
C GLU B 174 -20.06 -28.77 -15.96
N MET B 175 -19.19 -28.25 -15.09
CA MET B 175 -19.08 -28.67 -13.71
C MET B 175 -19.43 -27.47 -12.84
N LEU B 176 -20.44 -27.62 -11.99
CA LEU B 176 -20.86 -26.56 -11.08
C LEU B 176 -20.17 -26.75 -9.74
N LEU B 177 -19.68 -25.65 -9.18
CA LEU B 177 -19.04 -25.66 -7.86
C LEU B 177 -19.90 -24.86 -6.89
N PRO B 178 -19.86 -25.21 -5.61
CA PRO B 178 -20.72 -24.57 -4.62
C PRO B 178 -20.43 -23.08 -4.41
N ARG B 179 -21.43 -22.36 -3.90
CA ARG B 179 -21.27 -20.95 -3.60
C ARG B 179 -20.44 -20.76 -2.33
N HIS B 180 -19.96 -19.53 -2.14
CA HIS B 180 -19.09 -19.17 -1.02
C HIS B 180 -17.74 -19.92 -1.02
N SER B 181 -17.27 -20.28 -2.21
CA SER B 181 -16.00 -20.98 -2.35
C SER B 181 -14.84 -19.99 -2.35
N THR B 182 -13.71 -20.43 -1.83
CA THR B 182 -12.47 -19.66 -1.85
C THR B 182 -11.45 -20.40 -2.70
N TYR B 183 -10.76 -19.67 -3.57
CA TYR B 183 -9.62 -20.22 -4.30
C TYR B 183 -8.43 -19.28 -4.17
N HIS B 184 -7.23 -19.83 -4.29
CA HIS B 184 -5.98 -19.08 -4.24
C HIS B 184 -5.41 -18.94 -5.64
N ILE B 185 -5.17 -17.71 -6.07
CA ILE B 185 -4.60 -17.47 -7.39
C ILE B 185 -3.08 -17.65 -7.28
N ASP B 186 -2.59 -18.72 -7.90
CA ASP B 186 -1.18 -19.09 -7.80
C ASP B 186 -0.31 -18.40 -8.83
N ASP B 187 -0.88 -18.11 -10.00
CA ASP B 187 -0.11 -17.62 -11.13
C ASP B 187 -1.03 -16.88 -12.08
N MET B 188 -0.49 -15.83 -12.69
CA MET B 188 -1.19 -15.08 -13.71
C MET B 188 -0.17 -14.70 -14.77
N ARG B 189 -0.41 -15.13 -16.01
CA ARG B 189 0.49 -14.76 -17.11
C ARG B 189 -0.25 -14.50 -18.41
N LEU B 190 0.41 -13.78 -19.30
CA LEU B 190 -0.15 -13.50 -20.61
C LEU B 190 0.01 -14.71 -21.52
N SER B 191 -0.97 -14.93 -22.38
CA SER B 191 -0.86 -15.94 -23.42
C SER B 191 0.24 -15.52 -24.39
N SER B 192 0.65 -16.43 -25.26
CA SER B 192 1.72 -16.17 -26.22
C SER B 192 1.48 -14.93 -27.09
N ASP B 193 0.25 -14.74 -27.54
CA ASP B 193 -0.10 -13.60 -28.39
C ASP B 193 -0.53 -12.36 -27.60
N GLY B 194 -0.53 -12.47 -26.27
CA GLY B 194 -0.82 -11.34 -25.41
C GLY B 194 -2.28 -10.91 -25.38
N LYS B 195 -3.19 -11.78 -25.84
CA LYS B 195 -4.61 -11.44 -25.93
C LYS B 195 -5.43 -11.99 -24.77
N GLN B 196 -4.84 -12.87 -23.98
CA GLN B 196 -5.54 -13.46 -22.83
C GLN B 196 -4.64 -13.48 -21.61
N ILE B 197 -5.26 -13.43 -20.44
CA ILE B 197 -4.60 -13.70 -19.18
C ILE B 197 -4.97 -15.12 -18.79
N ILE B 198 -3.96 -15.92 -18.48
CA ILE B 198 -4.14 -17.29 -18.01
C ILE B 198 -3.89 -17.33 -16.51
N ILE B 199 -4.95 -17.63 -15.76
CA ILE B 199 -4.87 -17.71 -14.30
C ILE B 199 -4.82 -19.18 -13.90
N THR B 200 -3.89 -19.52 -13.01
CA THR B 200 -3.88 -20.83 -12.37
C THR B 200 -4.21 -20.66 -10.90
N ALA B 201 -5.20 -21.39 -10.43
CA ALA B 201 -5.73 -21.20 -9.08
C ALA B 201 -5.98 -22.53 -8.41
N THR B 202 -5.86 -22.57 -7.09
CA THR B 202 -6.09 -23.78 -6.30
C THR B 202 -7.38 -23.60 -5.52
N MET B 203 -8.35 -24.47 -5.77
CA MET B 203 -9.64 -24.40 -5.11
C MET B 203 -9.49 -24.94 -3.69
N MET B 204 -9.95 -24.15 -2.72
CA MET B 204 -9.91 -24.54 -1.32
C MET B 204 -11.24 -25.16 -0.92
N GLY B 205 -12.32 -24.37 -0.97
CA GLY B 205 -13.64 -24.86 -0.60
C GLY B 205 -14.45 -23.87 0.21
N THR C 5 9.15 4.07 -15.75
CA THR C 5 10.45 4.07 -16.49
C THR C 5 11.63 4.22 -15.53
N TYR C 6 12.44 3.17 -15.42
CA TYR C 6 13.58 3.12 -14.50
C TYR C 6 14.89 2.91 -15.26
N GLN C 7 15.85 3.80 -15.02
CA GLN C 7 17.15 3.73 -15.67
C GLN C 7 17.90 2.47 -15.26
N GLU C 8 18.34 1.69 -16.25
CA GLU C 8 19.21 0.53 -16.01
C GLU C 8 20.51 0.74 -16.77
N PHE C 9 21.60 0.85 -16.03
CA PHE C 9 22.93 1.02 -16.62
C PHE C 9 23.36 -0.25 -17.34
N THR C 10 24.01 -0.07 -18.49
CA THR C 10 24.42 -1.19 -19.35
C THR C 10 25.94 -1.38 -19.37
N ASN C 11 26.68 -0.49 -18.73
CA ASN C 11 28.14 -0.56 -18.71
C ASN C 11 28.76 0.15 -17.52
N ILE C 12 29.89 -0.38 -17.05
CA ILE C 12 30.50 0.05 -15.81
C ILE C 12 30.95 1.50 -15.86
N ASP C 13 31.58 1.89 -16.97
CA ASP C 13 32.11 3.24 -17.11
C ASP C 13 31.04 4.31 -16.86
N GLN C 14 29.88 4.15 -17.48
CA GLN C 14 28.79 5.11 -17.35
C GLN C 14 28.11 5.06 -15.99
N ALA C 15 28.01 3.87 -15.42
CA ALA C 15 27.49 3.73 -14.06
C ALA C 15 28.40 4.46 -13.06
N LYS C 16 29.72 4.28 -13.23
CA LYS C 16 30.70 4.89 -12.35
C LYS C 16 30.68 6.42 -12.47
N ALA C 17 30.53 6.94 -13.68
CA ALA C 17 30.50 8.38 -13.91
C ALA C 17 29.28 9.00 -13.27
N TRP C 18 28.13 8.35 -13.42
CA TRP C 18 26.89 8.78 -12.80
C TRP C 18 27.01 8.76 -11.29
N GLY C 19 27.62 7.70 -10.76
CA GLY C 19 27.77 7.55 -9.32
C GLY C 19 28.64 8.65 -8.74
N ASN C 20 29.79 8.89 -9.37
CA ASN C 20 30.69 9.95 -8.94
C ASN C 20 30.01 11.31 -8.97
N ALA C 21 29.15 11.52 -9.95
CA ALA C 21 28.41 12.77 -10.07
C ALA C 21 27.44 12.95 -8.90
N GLN C 22 26.81 11.86 -8.47
CA GLN C 22 25.91 11.89 -7.31
C GLN C 22 26.71 12.15 -6.04
N TYR C 23 27.83 11.46 -5.90
CA TYR C 23 28.64 11.56 -4.69
C TYR C 23 29.10 13.00 -4.41
N LYS C 24 29.38 13.77 -5.46
CA LYS C 24 29.84 15.14 -5.30
C LYS C 24 28.74 16.08 -4.76
N LYS C 25 27.48 15.65 -4.83
CA LYS C 25 26.35 16.40 -4.26
C LYS C 25 26.13 16.16 -2.77
N TYR C 26 26.70 15.07 -2.21
CA TYR C 26 26.31 14.60 -0.89
C TYR C 26 26.73 15.53 0.26
N GLY C 27 27.99 15.93 0.27
CA GLY C 27 28.52 16.74 1.37
C GLY C 27 28.48 16.06 2.72
N LEU C 28 28.86 14.77 2.76
CA LEU C 28 28.88 13.99 3.98
C LEU C 28 29.93 14.53 4.95
N SER C 29 29.66 14.39 6.25
CA SER C 29 30.61 14.76 7.28
C SER C 29 31.65 13.65 7.44
N LYS C 30 32.75 13.98 8.12
CA LYS C 30 33.78 12.99 8.44
C LYS C 30 33.21 11.79 9.19
N SER C 31 32.37 12.04 10.19
CA SER C 31 31.81 10.97 11.01
C SER C 31 30.82 10.13 10.22
N GLU C 32 30.10 10.75 9.29
CA GLU C 32 29.17 10.03 8.42
C GLU C 32 29.93 9.10 7.49
N LYS C 33 31.02 9.61 6.91
CA LYS C 33 31.89 8.81 6.06
C LYS C 33 32.51 7.65 6.85
N GLU C 34 32.95 7.93 8.07
CA GLU C 34 33.52 6.89 8.93
C GLU C 34 32.48 5.83 9.26
N ALA C 35 31.24 6.24 9.43
CA ALA C 35 30.14 5.32 9.73
C ALA C 35 29.92 4.40 8.53
N ILE C 36 29.96 4.98 7.33
CA ILE C 36 29.78 4.18 6.11
C ILE C 36 30.95 3.22 5.91
N VAL C 37 32.17 3.66 6.21
CA VAL C 37 33.32 2.78 6.14
C VAL C 37 33.11 1.57 7.06
N SER C 38 32.70 1.83 8.31
CA SER C 38 32.49 0.76 9.27
C SER C 38 31.46 -0.25 8.79
N TYR C 39 30.39 0.24 8.15
CA TYR C 39 29.38 -0.65 7.59
C TYR C 39 29.99 -1.55 6.52
N THR C 40 30.77 -0.97 5.60
CA THR C 40 31.37 -1.77 4.53
C THR C 40 32.30 -2.85 5.06
N LYS C 41 32.92 -2.59 6.22
CA LYS C 41 33.84 -3.56 6.83
C LYS C 41 33.11 -4.73 7.50
N SER C 42 31.91 -4.47 8.04
CA SER C 42 31.18 -5.46 8.82
C SER C 42 29.70 -5.54 8.47
N ALA C 43 29.38 -5.45 7.18
CA ALA C 43 27.99 -5.37 6.74
C ALA C 43 27.17 -6.59 7.17
N SER C 44 27.72 -7.79 6.97
CA SER C 44 27.03 -9.03 7.36
C SER C 44 26.69 -9.06 8.85
N GLU C 45 27.64 -8.66 9.68
CA GLU C 45 27.46 -8.71 11.13
C GLU C 45 26.43 -7.69 11.61
N ILE C 46 26.51 -6.48 11.07
CA ILE C 46 25.62 -5.39 11.46
C ILE C 46 24.19 -5.69 11.04
N ASN C 47 24.02 -6.16 9.81
CA ASN C 47 22.70 -6.50 9.30
C ASN C 47 22.10 -7.72 10.02
N GLY C 48 22.96 -8.67 10.38
CA GLY C 48 22.55 -9.83 11.15
C GLY C 48 22.04 -9.43 12.52
N LYS C 49 22.73 -8.49 13.16
CA LYS C 49 22.33 -7.99 14.47
C LYS C 49 21.00 -7.23 14.38
N LEU C 50 20.81 -6.49 13.29
CA LEU C 50 19.59 -5.70 13.10
C LEU C 50 18.38 -6.61 12.87
N ARG C 51 18.59 -7.72 12.17
CA ARG C 51 17.50 -8.68 11.90
C ARG C 51 17.10 -9.41 13.18
N GLN C 52 18.10 -9.82 13.96
CA GLN C 52 17.87 -10.59 15.19
C GLN C 52 17.13 -9.76 16.23
N ASN C 53 17.29 -8.43 16.18
CA ASN C 53 16.67 -7.53 17.16
C ASN C 53 15.52 -6.69 16.58
N LYS C 54 15.15 -6.97 15.33
CA LYS C 54 14.06 -6.27 14.64
C LYS C 54 14.25 -4.74 14.64
N GLY C 55 15.47 -4.31 14.35
CA GLY C 55 15.78 -2.89 14.21
C GLY C 55 16.01 -2.15 15.52
N VAL C 56 15.89 -2.85 16.65
CA VAL C 56 16.08 -2.25 17.96
C VAL C 56 17.58 -2.28 18.27
N ILE C 57 18.17 -1.10 18.36
CA ILE C 57 19.62 -0.95 18.50
C ILE C 57 20.06 -0.60 19.93
N ASN C 58 19.10 -0.37 20.81
CA ASN C 58 19.39 -0.14 22.23
C ASN C 58 19.74 -1.48 22.86
N GLY C 59 21.03 -1.76 22.97
CA GLY C 59 21.53 -3.08 23.32
C GLY C 59 22.82 -3.41 22.59
N PHE C 60 22.98 -2.81 21.41
CA PHE C 60 24.23 -2.89 20.65
C PHE C 60 25.35 -2.20 21.44
N PRO C 61 26.60 -2.51 21.13
CA PRO C 61 27.73 -1.75 21.65
C PRO C 61 27.53 -0.24 21.46
N SER C 62 28.01 0.56 22.41
CA SER C 62 27.86 2.01 22.36
C SER C 62 28.42 2.63 21.08
N ASN C 63 29.53 2.06 20.59
CA ASN C 63 30.18 2.55 19.38
C ASN C 63 29.33 2.31 18.12
N LEU C 64 28.67 1.17 18.06
CA LEU C 64 27.81 0.82 16.93
C LEU C 64 26.51 1.59 16.93
N ILE C 65 26.00 1.96 18.10
CA ILE C 65 24.79 2.78 18.19
C ILE C 65 25.03 4.13 17.52
N LYS C 66 26.19 4.73 17.80
CA LYS C 66 26.56 6.00 17.21
C LYS C 66 26.69 5.89 15.69
N GLN C 67 27.30 4.80 15.23
CA GLN C 67 27.54 4.58 13.81
C GLN C 67 26.22 4.40 13.06
N VAL C 68 25.33 3.59 13.62
CA VAL C 68 24.02 3.33 13.03
C VAL C 68 23.20 4.62 12.94
N GLU C 69 23.26 5.45 13.96
CA GLU C 69 22.50 6.70 13.95
C GLU C 69 23.07 7.68 12.93
N LEU C 70 24.39 7.69 12.77
CA LEU C 70 25.03 8.52 11.74
C LEU C 70 24.67 8.01 10.35
N LEU C 71 24.67 6.69 10.19
CA LEU C 71 24.36 6.07 8.91
C LEU C 71 22.91 6.38 8.51
N ASP C 72 21.99 6.22 9.46
CA ASP C 72 20.57 6.50 9.20
C ASP C 72 20.38 7.96 8.76
N LYS C 73 21.03 8.86 9.48
CA LYS C 73 20.91 10.29 9.20
C LYS C 73 21.62 10.68 7.91
N SER C 74 22.65 9.93 7.51
CA SER C 74 23.43 10.25 6.32
C SER C 74 22.59 10.19 5.05
N PHE C 75 21.52 9.39 5.10
CA PHE C 75 20.66 9.26 3.94
C PHE C 75 19.86 10.52 3.60
N ASN C 76 19.73 11.45 4.54
CA ASN C 76 19.11 12.74 4.23
C ASN C 76 19.86 13.50 3.14
N LYS C 77 21.14 13.16 2.96
CA LYS C 77 22.03 13.78 1.98
C LYS C 77 22.20 12.99 0.68
N MET C 78 21.65 11.78 0.63
CA MET C 78 21.90 10.84 -0.45
C MET C 78 20.59 10.36 -1.04
N LYS C 79 20.12 11.06 -2.06
CA LYS C 79 18.87 10.71 -2.75
C LYS C 79 19.15 10.52 -4.23
N THR C 80 18.48 9.55 -4.84
CA THR C 80 18.61 9.35 -6.28
C THR C 80 17.90 10.48 -7.02
N PRO C 81 18.52 11.02 -8.07
CA PRO C 81 17.89 12.10 -8.86
C PRO C 81 16.90 11.60 -9.91
N GLU C 82 16.76 10.29 -10.05
CA GLU C 82 15.84 9.71 -11.03
C GLU C 82 15.42 8.29 -10.63
N ASN C 83 14.38 7.78 -11.30
CA ASN C 83 14.03 6.37 -11.21
C ASN C 83 15.21 5.54 -11.69
N ILE C 84 15.65 4.59 -10.87
CA ILE C 84 16.77 3.73 -11.21
C ILE C 84 16.50 2.27 -10.82
N MET C 85 17.12 1.36 -11.57
CA MET C 85 17.12 -0.06 -11.27
C MET C 85 18.37 -0.40 -10.47
N LEU C 86 18.21 -1.09 -9.36
CA LEU C 86 19.34 -1.61 -8.59
C LEU C 86 19.28 -3.13 -8.49
N PHE C 87 20.43 -3.75 -8.25
CA PHE C 87 20.56 -5.21 -8.28
C PHE C 87 21.11 -5.78 -6.97
N ARG C 88 20.70 -7.00 -6.66
CA ARG C 88 21.27 -7.77 -5.54
C ARG C 88 21.34 -9.24 -5.90
N GLY C 89 22.37 -9.92 -5.43
CA GLY C 89 22.44 -11.37 -5.50
C GLY C 89 22.27 -11.91 -4.10
N ASP C 90 21.45 -12.93 -3.94
CA ASP C 90 21.21 -13.56 -2.65
C ASP C 90 21.37 -15.07 -2.70
N ASP C 91 21.82 -15.63 -1.59
CA ASP C 91 21.89 -17.07 -1.39
C ASP C 91 20.55 -17.57 -0.84
N PRO C 92 20.33 -18.89 -0.84
CA PRO C 92 19.02 -19.46 -0.48
C PRO C 92 18.40 -19.06 0.85
N ALA C 93 19.22 -18.72 1.85
CA ALA C 93 18.73 -18.38 3.18
C ALA C 93 17.94 -17.08 3.22
N TYR C 94 18.13 -16.24 2.20
CA TYR C 94 17.29 -15.05 1.98
C TYR C 94 15.79 -15.40 2.03
N LEU C 95 15.43 -16.55 1.47
CA LEU C 95 14.05 -17.01 1.43
C LEU C 95 13.58 -17.65 2.74
N GLY C 96 14.52 -17.89 3.64
CA GLY C 96 14.24 -18.53 4.91
C GLY C 96 15.13 -19.75 5.10
N THR C 97 15.30 -20.16 6.35
CA THR C 97 16.17 -21.28 6.69
C THR C 97 15.72 -22.59 6.02
N GLU C 98 14.41 -22.75 5.84
CA GLU C 98 13.84 -23.95 5.21
C GLU C 98 14.28 -24.16 3.75
N PHE C 99 14.72 -23.09 3.09
CA PHE C 99 15.21 -23.15 1.71
C PHE C 99 16.73 -23.33 1.61
N GLN C 100 17.43 -23.17 2.74
CA GLN C 100 18.90 -23.21 2.77
C GLN C 100 19.48 -24.42 2.02
N ASN C 101 18.92 -25.60 2.27
CA ASN C 101 19.43 -26.84 1.70
C ASN C 101 18.45 -27.54 0.75
N THR C 102 17.37 -26.87 0.37
CA THR C 102 16.37 -27.44 -0.52
C THR C 102 16.14 -26.68 -1.84
N LEU C 103 16.69 -25.47 -1.96
CA LEU C 103 16.36 -24.61 -3.11
C LEU C 103 16.98 -25.13 -4.39
N LEU C 104 18.19 -25.67 -4.31
CA LEU C 104 18.92 -26.13 -5.48
C LEU C 104 19.00 -27.66 -5.52
N ASN C 105 18.76 -28.22 -6.70
CA ASN C 105 19.02 -29.63 -6.96
C ASN C 105 20.52 -29.87 -7.09
N SER C 106 20.91 -31.13 -7.14
CA SER C 106 22.31 -31.51 -7.28
C SER C 106 22.96 -30.93 -8.53
N ASN C 107 22.19 -30.84 -9.61
CA ASN C 107 22.71 -30.38 -10.90
C ASN C 107 22.71 -28.85 -11.12
N GLY C 108 22.28 -28.10 -10.10
CA GLY C 108 22.33 -26.64 -10.14
C GLY C 108 21.02 -25.97 -10.51
N THR C 109 20.07 -26.74 -11.03
CA THR C 109 18.75 -26.20 -11.37
C THR C 109 17.94 -25.96 -10.10
N ILE C 110 17.15 -24.90 -10.08
CA ILE C 110 16.28 -24.57 -8.95
C ILE C 110 15.17 -25.61 -8.87
N ASN C 111 15.08 -26.30 -7.74
CA ASN C 111 14.03 -27.28 -7.49
C ASN C 111 12.64 -26.66 -7.65
N LYS C 112 11.77 -27.33 -8.40
CA LYS C 112 10.45 -26.81 -8.73
C LYS C 112 9.55 -26.65 -7.51
N THR C 113 9.55 -27.65 -6.63
CA THR C 113 8.75 -27.61 -5.41
C THR C 113 9.18 -26.45 -4.51
N ALA C 114 10.48 -26.28 -4.36
CA ALA C 114 11.03 -25.21 -3.53
C ALA C 114 10.66 -23.85 -4.09
N PHE C 115 10.75 -23.71 -5.42
CA PHE C 115 10.42 -22.45 -6.10
C PHE C 115 8.96 -22.07 -5.88
N GLU C 116 8.06 -23.03 -6.05
CA GLU C 116 6.62 -22.79 -5.85
C GLU C 116 6.34 -22.38 -4.40
N LYS C 117 7.06 -22.98 -3.46
CA LYS C 117 6.93 -22.66 -2.04
C LYS C 117 7.42 -21.24 -1.76
N ALA C 118 8.50 -20.86 -2.42
CA ALA C 118 9.09 -19.54 -2.25
C ALA C 118 8.15 -18.47 -2.80
N LYS C 119 7.46 -18.79 -3.88
CA LYS C 119 6.49 -17.89 -4.49
C LYS C 119 5.26 -17.72 -3.59
N ALA C 120 4.74 -18.82 -3.08
CA ALA C 120 3.62 -18.74 -2.15
C ALA C 120 3.97 -17.84 -0.96
N LYS C 121 5.22 -17.91 -0.51
CA LYS C 121 5.66 -17.20 0.68
C LYS C 121 5.85 -15.70 0.44
N PHE C 122 6.33 -15.33 -0.76
CA PHE C 122 6.81 -13.97 -1.01
C PHE C 122 6.14 -13.22 -2.16
N LEU C 123 5.61 -13.93 -3.16
CA LEU C 123 5.07 -13.30 -4.36
C LEU C 123 3.93 -12.33 -4.05
N ASN C 124 4.01 -11.14 -4.66
CA ASN C 124 3.03 -10.07 -4.46
C ASN C 124 2.75 -9.72 -2.99
N LYS C 125 3.82 -9.67 -2.20
CA LYS C 125 3.74 -9.26 -0.81
C LYS C 125 4.83 -8.25 -0.49
N ASP C 126 4.58 -7.43 0.53
CA ASP C 126 5.58 -6.54 1.09
C ASP C 126 6.55 -7.36 1.93
N ARG C 127 7.81 -6.92 1.92
CA ARG C 127 8.83 -7.50 2.77
C ARG C 127 9.56 -6.37 3.45
N LEU C 128 9.67 -6.46 4.78
CA LEU C 128 10.42 -5.52 5.58
C LEU C 128 11.80 -6.08 5.87
N GLU C 129 12.82 -5.29 5.59
CA GLU C 129 14.22 -5.67 5.84
C GLU C 129 14.79 -4.82 6.96
N TYR C 130 15.23 -5.46 8.03
CA TYR C 130 15.72 -4.75 9.21
C TYR C 130 17.14 -4.20 9.00
N GLY C 131 17.92 -4.91 8.20
CA GLY C 131 19.27 -4.48 7.87
C GLY C 131 19.24 -3.40 6.80
N TYR C 132 20.40 -2.80 6.57
CA TYR C 132 20.61 -1.95 5.41
C TYR C 132 20.60 -2.84 4.18
N ILE C 133 20.25 -2.30 3.01
CA ILE C 133 20.26 -3.12 1.80
C ILE C 133 21.39 -2.67 0.90
N SER C 134 22.43 -3.49 0.81
CA SER C 134 23.51 -3.25 -0.14
C SER C 134 23.06 -3.73 -1.51
N THR C 135 23.14 -2.85 -2.51
CA THR C 135 22.80 -3.19 -3.89
C THR C 135 23.90 -2.69 -4.82
N SER C 136 23.79 -2.99 -6.11
CA SER C 136 24.76 -2.54 -7.10
C SER C 136 24.02 -1.91 -8.28
N LEU C 137 24.69 -1.00 -8.99
CA LEU C 137 24.06 -0.33 -10.15
C LEU C 137 23.92 -1.27 -11.33
N MET C 138 24.67 -2.37 -11.32
CA MET C 138 24.50 -3.42 -12.32
C MET C 138 24.55 -4.76 -11.61
N ASN C 139 24.28 -5.83 -12.34
CA ASN C 139 24.42 -7.18 -11.79
C ASN C 139 25.88 -7.57 -11.84
N VAL C 140 26.66 -6.98 -10.93
CA VAL C 140 28.12 -7.08 -10.97
C VAL C 140 28.57 -8.50 -10.64
N SER C 141 29.75 -8.84 -11.14
CA SER C 141 30.21 -10.22 -11.15
C SER C 141 30.35 -10.85 -9.76
N GLN C 142 30.69 -10.05 -8.75
CA GLN C 142 30.91 -10.60 -7.41
C GLN C 142 29.70 -11.35 -6.87
N PHE C 143 28.50 -10.86 -7.15
CA PHE C 143 27.27 -11.45 -6.61
C PHE C 143 26.35 -12.08 -7.67
N ALA C 144 26.72 -11.98 -8.95
CA ALA C 144 25.87 -12.48 -10.04
C ALA C 144 25.83 -14.02 -10.15
N GLY C 145 26.71 -14.71 -9.44
CA GLY C 145 26.73 -16.16 -9.41
C GLY C 145 25.83 -16.78 -8.36
N ARG C 146 25.18 -15.93 -7.56
CA ARG C 146 24.26 -16.41 -6.52
C ARG C 146 22.94 -16.85 -7.16
N PRO C 147 22.21 -17.76 -6.50
CA PRO C 147 20.99 -18.33 -7.07
C PRO C 147 19.77 -17.40 -7.15
N ILE C 148 19.77 -16.28 -6.44
CA ILE C 148 18.65 -15.35 -6.46
C ILE C 148 19.14 -13.97 -6.87
N ILE C 149 18.62 -13.43 -7.97
CA ILE C 149 18.95 -12.07 -8.41
C ILE C 149 17.70 -11.21 -8.27
N THR C 150 17.81 -10.11 -7.55
CA THR C 150 16.71 -9.16 -7.39
C THR C 150 17.00 -7.89 -8.16
N LYS C 151 15.97 -7.41 -8.85
CA LYS C 151 16.00 -6.12 -9.53
C LYS C 151 15.02 -5.24 -8.77
N PHE C 152 15.55 -4.22 -8.10
CA PHE C 152 14.75 -3.25 -7.36
C PHE C 152 14.45 -2.02 -8.20
N LYS C 153 13.17 -1.66 -8.25
CA LYS C 153 12.75 -0.40 -8.85
C LYS C 153 12.73 0.68 -7.77
N VAL C 154 13.67 1.62 -7.88
CA VAL C 154 13.82 2.70 -6.90
C VAL C 154 13.45 4.04 -7.52
N ALA C 155 12.45 4.68 -6.93
CA ALA C 155 11.87 5.91 -7.46
C ALA C 155 12.75 7.14 -7.25
N LYS C 156 12.63 8.09 -8.16
CA LYS C 156 13.26 9.40 -8.01
C LYS C 156 13.00 9.98 -6.62
N GLY C 157 14.05 10.44 -5.97
CA GLY C 157 13.96 11.11 -4.68
C GLY C 157 14.15 10.19 -3.50
N SER C 158 14.30 8.89 -3.77
CA SER C 158 14.46 7.88 -2.73
C SER C 158 15.85 7.96 -2.13
N LYS C 159 15.94 7.54 -0.87
CA LYS C 159 17.23 7.44 -0.17
C LYS C 159 18.06 6.32 -0.77
N ALA C 160 19.25 6.66 -1.26
CA ALA C 160 20.15 5.73 -1.93
C ALA C 160 21.49 6.42 -2.18
N GLY C 161 22.57 5.79 -1.74
CA GLY C 161 23.89 6.38 -1.81
C GLY C 161 24.94 5.56 -2.54
N TYR C 162 25.65 6.23 -3.44
CA TYR C 162 26.76 5.65 -4.17
C TYR C 162 28.00 5.77 -3.28
N ILE C 163 28.44 4.66 -2.69
CA ILE C 163 29.43 4.72 -1.61
C ILE C 163 30.88 4.35 -1.97
N ASP C 164 31.13 4.00 -3.23
CA ASP C 164 32.49 3.63 -3.64
C ASP C 164 33.52 4.73 -3.32
N PRO C 165 33.19 6.00 -3.55
CA PRO C 165 34.14 7.09 -3.22
C PRO C 165 34.39 7.25 -1.72
N ILE C 166 33.52 6.70 -0.89
CA ILE C 166 33.66 6.75 0.57
C ILE C 166 34.53 5.62 1.14
N SER C 167 34.46 4.44 0.53
CA SER C 167 35.14 3.27 1.10
C SER C 167 35.60 2.29 0.02
N ALA C 168 36.89 1.98 0.07
CA ALA C 168 37.50 0.99 -0.82
C ALA C 168 36.92 -0.41 -0.57
N PHE C 169 36.32 -0.62 0.60
CA PHE C 169 35.73 -1.91 0.96
C PHE C 169 34.34 -2.12 0.35
N ALA C 170 33.73 -1.06 -0.18
CA ALA C 170 32.44 -1.18 -0.84
C ALA C 170 32.55 -2.09 -2.08
N GLY C 171 31.46 -2.77 -2.40
CA GLY C 171 31.38 -3.55 -3.63
C GLY C 171 31.39 -2.65 -4.85
N GLN C 172 31.70 -3.24 -5.99
CA GLN C 172 31.68 -2.54 -7.27
C GLN C 172 30.31 -1.90 -7.54
N LEU C 173 30.31 -0.59 -7.80
CA LEU C 173 29.10 0.18 -8.07
C LEU C 173 28.03 0.04 -6.97
N GLU C 174 28.45 -0.08 -5.71
CA GLU C 174 27.50 -0.27 -4.63
C GLU C 174 26.63 0.95 -4.38
N MET C 175 25.32 0.71 -4.33
CA MET C 175 24.35 1.67 -3.84
C MET C 175 23.75 1.15 -2.55
N LEU C 176 23.95 1.88 -1.45
CA LEU C 176 23.41 1.50 -0.16
C LEU C 176 22.06 2.13 0.07
N LEU C 177 21.13 1.32 0.56
CA LEU C 177 19.78 1.76 0.90
C LEU C 177 19.60 1.70 2.42
N PRO C 178 18.76 2.58 2.96
CA PRO C 178 18.55 2.64 4.42
C PRO C 178 17.95 1.38 5.01
N ARG C 179 18.19 1.18 6.30
CA ARG C 179 17.61 0.06 7.02
C ARG C 179 16.13 0.27 7.29
N HIS C 180 15.47 -0.81 7.69
CA HIS C 180 14.03 -0.80 7.99
C HIS C 180 13.23 -0.35 6.76
N SER C 181 13.68 -0.79 5.59
CA SER C 181 13.01 -0.47 4.33
C SER C 181 12.04 -1.58 3.95
N THR C 182 10.93 -1.18 3.34
CA THR C 182 9.96 -2.11 2.79
C THR C 182 10.00 -2.07 1.27
N TYR C 183 9.94 -3.25 0.66
CA TYR C 183 9.76 -3.39 -0.78
C TYR C 183 8.68 -4.42 -1.08
N HIS C 184 8.07 -4.31 -2.25
CA HIS C 184 7.01 -5.23 -2.65
C HIS C 184 7.54 -6.12 -3.77
N ILE C 185 7.50 -7.42 -3.57
CA ILE C 185 7.91 -8.37 -4.60
C ILE C 185 6.78 -8.49 -5.61
N ASP C 186 7.02 -7.95 -6.80
CA ASP C 186 6.03 -7.93 -7.88
C ASP C 186 6.02 -9.22 -8.70
N ASP C 187 7.20 -9.79 -8.93
CA ASP C 187 7.36 -10.91 -9.83
C ASP C 187 8.49 -11.83 -9.38
N MET C 188 8.30 -13.13 -9.56
CA MET C 188 9.32 -14.13 -9.29
C MET C 188 9.25 -15.18 -10.40
N ARG C 189 10.35 -15.35 -11.13
CA ARG C 189 10.40 -16.33 -12.20
C ARG C 189 11.77 -16.94 -12.34
N LEU C 190 11.83 -18.15 -12.89
CA LEU C 190 13.10 -18.81 -13.15
C LEU C 190 13.80 -18.14 -14.34
N SER C 191 15.12 -18.16 -14.33
CA SER C 191 15.92 -17.66 -15.45
C SER C 191 15.74 -18.61 -16.63
N SER C 192 16.25 -18.23 -17.79
CA SER C 192 16.11 -19.01 -19.02
C SER C 192 16.60 -20.46 -18.85
N ASP C 193 17.74 -20.63 -18.18
CA ASP C 193 18.35 -21.95 -17.98
C ASP C 193 17.91 -22.66 -16.69
N GLY C 194 17.04 -22.00 -15.92
CA GLY C 194 16.42 -22.61 -14.75
C GLY C 194 17.30 -22.67 -13.51
N LYS C 195 18.46 -22.01 -13.54
CA LYS C 195 19.44 -22.10 -12.46
C LYS C 195 19.37 -20.96 -11.44
N GLN C 196 18.55 -19.95 -11.72
CA GLN C 196 18.40 -18.80 -10.82
C GLN C 196 16.92 -18.38 -10.71
N ILE C 197 16.56 -17.83 -9.55
CA ILE C 197 15.29 -17.12 -9.40
C ILE C 197 15.55 -15.63 -9.65
N ILE C 198 14.76 -15.03 -10.54
CA ILE C 198 14.81 -13.59 -10.79
C ILE C 198 13.62 -12.92 -10.11
N ILE C 199 13.91 -12.05 -9.16
CA ILE C 199 12.88 -11.32 -8.41
C ILE C 199 12.85 -9.88 -8.92
N THR C 200 11.66 -9.37 -9.21
CA THR C 200 11.46 -7.95 -9.50
C THR C 200 10.66 -7.35 -8.36
N ALA C 201 11.17 -6.29 -7.76
CA ALA C 201 10.54 -5.66 -6.61
C ALA C 201 10.53 -4.14 -6.73
N THR C 202 9.51 -3.52 -6.14
CA THR C 202 9.42 -2.07 -6.08
C THR C 202 9.76 -1.61 -4.68
N MET C 203 10.79 -0.78 -4.58
CA MET C 203 11.24 -0.25 -3.30
C MET C 203 10.26 0.83 -2.83
N MET C 204 9.87 0.73 -1.57
CA MET C 204 8.97 1.69 -0.94
C MET C 204 9.68 2.66 0.01
N GLY C 205 10.84 2.26 0.54
CA GLY C 205 11.64 3.15 1.34
C GLY C 205 11.56 2.80 2.81
N THR C 206 12.09 3.68 3.65
CA THR C 206 12.39 3.36 5.05
C THR C 206 11.45 4.01 6.04
N ALA C 207 11.36 3.39 7.21
CA ALA C 207 10.56 3.90 8.33
C ALA C 207 11.38 4.77 9.28
N ILE C 208 12.69 4.89 9.01
CA ILE C 208 13.59 5.66 9.87
C ILE C 208 13.93 6.97 9.19
N ASN C 209 13.40 8.06 9.74
CA ASN C 209 13.44 9.36 9.10
C ASN C 209 13.90 10.46 10.06
N PRO C 210 15.19 10.45 10.38
CA PRO C 210 15.77 11.45 11.31
C PRO C 210 15.70 12.87 10.74
N LYS C 211 15.56 13.86 11.62
CA LYS C 211 15.54 15.26 11.23
C LYS C 211 16.92 15.70 10.74
N THR D 5 -12.04 24.73 7.59
CA THR D 5 -11.18 23.55 7.89
C THR D 5 -11.28 22.49 6.78
N TYR D 6 -10.13 22.04 6.26
CA TYR D 6 -10.06 21.12 5.13
C TYR D 6 -9.45 19.77 5.55
N GLN D 7 -10.16 18.68 5.25
CA GLN D 7 -9.72 17.33 5.59
C GLN D 7 -8.57 16.88 4.69
N GLU D 8 -7.45 16.56 5.32
CA GLU D 8 -6.30 15.99 4.64
C GLU D 8 -6.18 14.53 5.01
N PHE D 9 -6.25 13.66 4.01
CA PHE D 9 -6.05 12.23 4.24
C PHE D 9 -4.57 11.96 4.44
N THR D 10 -4.25 11.27 5.53
CA THR D 10 -2.85 11.00 5.89
C THR D 10 -2.52 9.51 5.87
N ASN D 11 -3.48 8.68 5.44
CA ASN D 11 -3.24 7.26 5.28
C ASN D 11 -4.12 6.65 4.20
N ILE D 12 -3.51 5.80 3.38
CA ILE D 12 -4.12 5.34 2.13
C ILE D 12 -5.40 4.52 2.35
N ASP D 13 -5.47 3.80 3.46
CA ASP D 13 -6.64 2.97 3.77
C ASP D 13 -7.89 3.84 3.95
N GLN D 14 -7.76 4.91 4.73
CA GLN D 14 -8.86 5.84 4.97
C GLN D 14 -9.26 6.53 3.67
N ALA D 15 -8.26 6.96 2.91
CA ALA D 15 -8.50 7.70 1.67
C ALA D 15 -9.25 6.86 0.64
N LYS D 16 -8.83 5.60 0.48
CA LYS D 16 -9.47 4.69 -0.46
C LYS D 16 -10.91 4.39 -0.07
N ALA D 17 -11.16 4.26 1.24
CA ALA D 17 -12.49 3.99 1.75
C ALA D 17 -13.44 5.17 1.51
N TRP D 18 -12.95 6.38 1.76
CA TRP D 18 -13.70 7.60 1.52
C TRP D 18 -14.03 7.75 0.03
N GLY D 19 -13.03 7.54 -0.82
CA GLY D 19 -13.20 7.63 -2.26
C GLY D 19 -14.22 6.65 -2.80
N ASN D 20 -14.13 5.39 -2.37
CA ASN D 20 -15.09 4.36 -2.76
C ASN D 20 -16.50 4.73 -2.35
N ALA D 21 -16.65 5.32 -1.17
CA ALA D 21 -17.95 5.75 -0.66
C ALA D 21 -18.54 6.86 -1.51
N GLN D 22 -17.68 7.77 -1.98
CA GLN D 22 -18.11 8.83 -2.88
C GLN D 22 -18.52 8.22 -4.22
N TYR D 23 -17.72 7.30 -4.72
CA TYR D 23 -17.95 6.72 -6.04
C TYR D 23 -19.27 5.95 -6.11
N LYS D 24 -19.62 5.26 -5.02
CA LYS D 24 -20.87 4.51 -4.94
C LYS D 24 -22.10 5.35 -5.27
N LYS D 25 -22.02 6.66 -4.98
CA LYS D 25 -23.14 7.59 -5.15
C LYS D 25 -23.18 8.34 -6.49
N TYR D 26 -22.18 8.16 -7.34
CA TYR D 26 -22.09 8.92 -8.60
C TYR D 26 -23.15 8.55 -9.62
N GLY D 27 -23.29 7.25 -9.89
CA GLY D 27 -24.22 6.77 -10.90
C GLY D 27 -23.93 7.30 -12.29
N LEU D 28 -22.65 7.27 -12.67
CA LEU D 28 -22.22 7.68 -14.01
C LEU D 28 -22.79 6.73 -15.06
N SER D 29 -23.08 7.28 -16.24
CA SER D 29 -23.50 6.47 -17.39
C SER D 29 -22.31 5.72 -18.00
N LYS D 30 -22.60 4.78 -18.89
CA LYS D 30 -21.56 4.04 -19.61
C LYS D 30 -20.71 4.98 -20.45
N SER D 31 -21.36 5.99 -21.05
CA SER D 31 -20.69 6.97 -21.89
C SER D 31 -19.70 7.84 -21.09
N GLU D 32 -20.15 8.30 -19.93
CA GLU D 32 -19.34 9.17 -19.06
C GLU D 32 -18.11 8.42 -18.53
N LYS D 33 -18.30 7.15 -18.18
CA LYS D 33 -17.21 6.33 -17.67
C LYS D 33 -16.15 6.09 -18.75
N GLU D 34 -16.59 5.95 -20.00
CA GLU D 34 -15.67 5.71 -21.11
C GLU D 34 -14.88 6.98 -21.44
N ALA D 35 -15.50 8.14 -21.26
CA ALA D 35 -14.83 9.42 -21.46
C ALA D 35 -13.73 9.60 -20.42
N ILE D 36 -14.01 9.19 -19.18
CA ILE D 36 -13.04 9.31 -18.09
C ILE D 36 -11.91 8.31 -18.30
N VAL D 37 -12.22 7.09 -18.74
CA VAL D 37 -11.18 6.11 -19.07
C VAL D 37 -10.22 6.69 -20.11
N SER D 38 -10.78 7.28 -21.16
CA SER D 38 -9.99 7.87 -22.23
C SER D 38 -9.09 8.97 -21.70
N TYR D 39 -9.63 9.80 -20.81
CA TYR D 39 -8.83 10.86 -20.19
C TYR D 39 -7.62 10.28 -19.47
N THR D 40 -7.82 9.20 -18.71
CA THR D 40 -6.72 8.61 -17.93
C THR D 40 -5.62 8.01 -18.83
N LYS D 41 -5.97 7.60 -20.05
CA LYS D 41 -5.00 7.08 -21.00
C LYS D 41 -4.16 8.20 -21.64
N SER D 42 -4.80 9.31 -22.00
CA SER D 42 -4.14 10.37 -22.74
C SER D 42 -4.64 11.78 -22.32
N ALA D 43 -4.36 12.11 -21.07
CA ALA D 43 -4.70 13.44 -20.55
C ALA D 43 -3.84 14.53 -21.17
N SER D 44 -2.59 14.19 -21.49
CA SER D 44 -1.64 15.14 -22.06
C SER D 44 -2.12 15.78 -23.37
N GLU D 45 -2.84 15.00 -24.18
CA GLU D 45 -3.35 15.49 -25.47
C GLU D 45 -4.55 16.43 -25.29
N ILE D 46 -5.56 15.98 -24.54
CA ILE D 46 -6.79 16.75 -24.36
C ILE D 46 -6.55 18.05 -23.58
N ASN D 47 -5.67 18.00 -22.59
CA ASN D 47 -5.34 19.19 -21.80
C ASN D 47 -4.46 20.16 -22.59
N GLY D 48 -3.59 19.60 -23.43
CA GLY D 48 -2.74 20.41 -24.30
C GLY D 48 -3.53 21.22 -25.31
N LYS D 49 -4.55 20.60 -25.91
CA LYS D 49 -5.42 21.27 -26.87
C LYS D 49 -6.31 22.30 -26.19
N LEU D 50 -6.70 22.03 -24.95
CA LEU D 50 -7.52 22.96 -24.17
C LEU D 50 -6.72 24.22 -23.83
N ARG D 51 -5.45 24.07 -23.51
CA ARG D 51 -4.58 25.20 -23.17
C ARG D 51 -4.26 26.02 -24.40
N GLN D 52 -3.98 25.32 -25.50
CA GLN D 52 -3.66 25.94 -26.79
C GLN D 52 -4.80 26.82 -27.30
N ASN D 53 -6.04 26.40 -27.06
CA ASN D 53 -7.22 27.07 -27.59
C ASN D 53 -7.98 27.90 -26.55
N LYS D 54 -7.41 28.05 -25.35
CA LYS D 54 -8.00 28.85 -24.28
C LYS D 54 -9.42 28.38 -23.90
N GLY D 55 -9.62 27.06 -23.93
CA GLY D 55 -10.88 26.45 -23.51
C GLY D 55 -11.93 26.35 -24.61
N VAL D 56 -11.60 26.86 -25.80
CA VAL D 56 -12.54 26.91 -26.91
C VAL D 56 -12.55 25.56 -27.63
N ILE D 57 -13.65 24.83 -27.50
CA ILE D 57 -13.80 23.52 -28.15
C ILE D 57 -14.61 23.61 -29.44
N ASN D 58 -14.85 24.82 -29.92
CA ASN D 58 -15.57 25.06 -31.16
C ASN D 58 -14.94 24.32 -32.34
N GLY D 59 -13.64 24.51 -32.54
CA GLY D 59 -12.92 23.95 -33.67
C GLY D 59 -12.31 22.57 -33.45
N PHE D 60 -12.59 21.95 -32.31
CA PHE D 60 -12.05 20.62 -32.00
C PHE D 60 -12.66 19.56 -32.92
N PRO D 61 -11.99 18.41 -33.08
CA PRO D 61 -12.58 17.26 -33.79
C PRO D 61 -13.89 16.79 -33.17
N SER D 62 -14.67 16.01 -33.91
CA SER D 62 -15.98 15.56 -33.45
C SER D 62 -15.90 14.60 -32.27
N ASN D 63 -14.92 13.69 -32.33
CA ASN D 63 -14.73 12.70 -31.26
C ASN D 63 -14.29 13.35 -29.96
N LEU D 64 -13.46 14.39 -30.07
CA LEU D 64 -12.93 15.09 -28.90
C LEU D 64 -13.95 16.03 -28.27
N ILE D 65 -14.86 16.59 -29.06
CA ILE D 65 -15.91 17.47 -28.54
C ILE D 65 -16.90 16.66 -27.72
N LYS D 66 -17.19 15.45 -28.17
CA LYS D 66 -18.09 14.55 -27.45
C LYS D 66 -17.51 14.17 -26.08
N GLN D 67 -16.21 13.89 -26.06
CA GLN D 67 -15.53 13.50 -24.82
C GLN D 67 -15.51 14.63 -23.80
N VAL D 68 -15.16 15.83 -24.26
CA VAL D 68 -15.09 17.00 -23.39
C VAL D 68 -16.45 17.29 -22.78
N GLU D 69 -17.51 17.20 -23.59
CA GLU D 69 -18.86 17.48 -23.12
C GLU D 69 -19.34 16.41 -22.11
N LEU D 70 -18.92 15.17 -22.32
CA LEU D 70 -19.25 14.07 -21.39
C LEU D 70 -18.51 14.23 -20.06
N LEU D 71 -17.25 14.65 -20.12
CA LEU D 71 -16.46 14.88 -18.91
C LEU D 71 -17.06 16.03 -18.11
N ASP D 72 -17.35 17.15 -18.78
CA ASP D 72 -17.98 18.30 -18.13
C ASP D 72 -19.27 17.93 -17.45
N LYS D 73 -20.12 17.16 -18.15
CA LYS D 73 -21.42 16.74 -17.63
C LYS D 73 -21.28 15.80 -16.44
N SER D 74 -20.26 14.96 -16.47
CA SER D 74 -20.05 13.96 -15.42
C SER D 74 -19.88 14.61 -14.05
N PHE D 75 -19.34 15.83 -14.02
CA PHE D 75 -19.10 16.55 -12.76
C PHE D 75 -20.38 16.99 -12.05
N ASN D 76 -21.51 17.02 -12.77
CA ASN D 76 -22.81 17.23 -12.14
C ASN D 76 -23.13 16.14 -11.11
N LYS D 77 -22.57 14.95 -11.30
CA LYS D 77 -22.75 13.82 -10.40
C LYS D 77 -21.60 13.60 -9.41
N MET D 78 -20.52 14.37 -9.54
CA MET D 78 -19.32 14.16 -8.72
C MET D 78 -18.95 15.42 -7.94
N LYS D 79 -19.46 15.53 -6.72
CA LYS D 79 -19.20 16.66 -5.83
C LYS D 79 -18.62 16.14 -4.52
N THR D 80 -17.65 16.84 -3.97
CA THR D 80 -17.13 16.48 -2.65
C THR D 80 -18.14 16.86 -1.57
N PRO D 81 -18.37 15.98 -0.60
CA PRO D 81 -19.32 16.23 0.50
C PRO D 81 -18.74 17.10 1.63
N GLU D 82 -17.44 17.39 1.59
CA GLU D 82 -16.78 18.18 2.61
C GLU D 82 -15.60 18.96 2.05
N ASN D 83 -15.11 19.92 2.83
CA ASN D 83 -13.84 20.59 2.53
C ASN D 83 -12.73 19.54 2.54
N ILE D 84 -11.96 19.45 1.47
CA ILE D 84 -10.84 18.51 1.39
C ILE D 84 -9.58 19.15 0.84
N MET D 85 -8.45 18.54 1.13
CA MET D 85 -7.17 18.94 0.54
C MET D 85 -6.82 17.94 -0.55
N LEU D 86 -6.40 18.45 -1.70
CA LEU D 86 -5.88 17.63 -2.79
C LEU D 86 -4.45 18.02 -3.15
N PHE D 87 -3.73 17.09 -3.78
CA PHE D 87 -2.31 17.25 -4.07
C PHE D 87 -1.98 17.12 -5.55
N ARG D 88 -0.95 17.85 -5.97
CA ARG D 88 -0.36 17.66 -7.29
C ARG D 88 1.15 17.78 -7.15
N GLY D 89 1.88 16.98 -7.93
CA GLY D 89 3.28 17.20 -8.15
C GLY D 89 3.51 17.76 -9.55
N ASP D 90 4.34 18.78 -9.67
CA ASP D 90 4.63 19.40 -10.97
C ASP D 90 6.12 19.57 -11.21
N ASP D 91 6.52 19.52 -12.47
CA ASP D 91 7.87 19.83 -12.88
C ASP D 91 8.03 21.34 -13.14
N PRO D 92 9.27 21.83 -13.26
CA PRO D 92 9.54 23.28 -13.32
C PRO D 92 8.78 24.04 -14.41
N ALA D 93 8.51 23.41 -15.55
CA ALA D 93 7.78 24.07 -16.65
C ALA D 93 6.39 24.57 -16.24
N TYR D 94 5.84 24.01 -15.16
CA TYR D 94 4.57 24.49 -14.61
C TYR D 94 4.62 26.00 -14.30
N LEU D 95 5.77 26.49 -13.87
CA LEU D 95 5.93 27.90 -13.51
C LEU D 95 6.20 28.79 -14.73
N GLY D 96 6.48 28.17 -15.86
CA GLY D 96 6.75 28.89 -17.10
C GLY D 96 8.01 28.41 -17.78
N THR D 97 8.16 28.75 -19.07
CA THR D 97 9.32 28.33 -19.84
C THR D 97 10.63 28.85 -19.23
N GLU D 98 10.55 30.00 -18.57
CA GLU D 98 11.72 30.64 -17.98
C GLU D 98 12.19 29.96 -16.69
N PHE D 99 11.40 29.03 -16.19
CA PHE D 99 11.77 28.21 -15.03
C PHE D 99 12.16 26.78 -15.37
N GLN D 100 11.82 26.33 -16.57
CA GLN D 100 12.14 24.97 -17.03
C GLN D 100 13.60 24.58 -16.73
N ASN D 101 14.53 25.48 -17.07
CA ASN D 101 15.96 25.19 -16.96
C ASN D 101 16.70 26.04 -15.92
N THR D 102 15.96 26.72 -15.05
CA THR D 102 16.56 27.54 -13.98
C THR D 102 16.16 27.18 -12.56
N LEU D 103 15.04 26.46 -12.40
CA LEU D 103 14.46 26.27 -11.07
C LEU D 103 15.38 25.47 -10.15
N LEU D 104 16.01 24.44 -10.70
CA LEU D 104 16.87 23.56 -9.93
C LEU D 104 18.34 23.79 -10.28
N ASN D 105 19.17 23.91 -9.25
CA ASN D 105 20.62 23.85 -9.39
C ASN D 105 21.04 22.41 -9.69
N SER D 106 22.29 22.24 -10.11
CA SER D 106 22.82 20.92 -10.49
C SER D 106 22.83 19.92 -9.32
N ASN D 107 22.89 20.43 -8.09
CA ASN D 107 22.94 19.59 -6.88
C ASN D 107 21.57 19.15 -6.33
N GLY D 108 20.48 19.53 -7.00
CA GLY D 108 19.14 19.10 -6.61
C GLY D 108 18.35 20.09 -5.78
N THR D 109 19.02 21.13 -5.29
CA THR D 109 18.39 22.16 -4.45
C THR D 109 17.73 23.23 -5.33
N ILE D 110 16.56 23.71 -4.91
CA ILE D 110 15.87 24.80 -5.60
C ILE D 110 16.74 26.05 -5.56
N ASN D 111 17.02 26.62 -6.73
CA ASN D 111 17.77 27.88 -6.82
C ASN D 111 17.01 29.00 -6.11
N LYS D 112 17.68 29.67 -5.18
CA LYS D 112 17.03 30.67 -4.31
C LYS D 112 16.55 31.88 -5.09
N THR D 113 17.30 32.30 -6.10
CA THR D 113 16.88 33.40 -6.98
C THR D 113 15.66 33.02 -7.81
N ALA D 114 15.65 31.81 -8.35
CA ALA D 114 14.51 31.32 -9.13
C ALA D 114 13.28 31.24 -8.25
N PHE D 115 13.46 30.82 -7.00
CA PHE D 115 12.35 30.71 -6.06
C PHE D 115 11.73 32.09 -5.81
N GLU D 116 12.57 33.10 -5.61
CA GLU D 116 12.09 34.47 -5.39
C GLU D 116 11.34 35.00 -6.61
N LYS D 117 11.79 34.64 -7.80
CA LYS D 117 11.14 35.08 -9.03
C LYS D 117 9.83 34.35 -9.25
N ALA D 118 9.78 33.08 -8.84
CA ALA D 118 8.55 32.30 -8.93
C ALA D 118 7.48 32.88 -8.00
N LYS D 119 7.88 33.31 -6.80
CA LYS D 119 6.97 33.95 -5.85
C LYS D 119 6.46 35.27 -6.42
N ALA D 120 7.37 36.08 -6.94
CA ALA D 120 6.97 37.34 -7.56
C ALA D 120 5.92 37.11 -8.64
N LYS D 121 6.07 36.03 -9.40
CA LYS D 121 5.17 35.75 -10.53
C LYS D 121 3.78 35.27 -10.10
N PHE D 122 3.73 34.47 -9.04
CA PHE D 122 2.51 33.71 -8.72
C PHE D 122 1.90 33.95 -7.33
N LEU D 123 2.70 34.39 -6.36
CA LEU D 123 2.25 34.49 -4.97
C LEU D 123 1.08 35.46 -4.81
N ASN D 124 0.02 34.99 -4.17
CA ASN D 124 -1.18 35.79 -3.97
C ASN D 124 -1.85 36.26 -5.27
N LYS D 125 -1.81 35.39 -6.28
CA LYS D 125 -2.47 35.64 -7.56
C LYS D 125 -3.35 34.47 -7.97
N ASP D 126 -4.38 34.78 -8.76
CA ASP D 126 -5.23 33.75 -9.34
C ASP D 126 -4.53 33.12 -10.53
N ARG D 127 -4.80 31.85 -10.75
CA ARG D 127 -4.32 31.14 -11.92
C ARG D 127 -5.45 30.35 -12.53
N LEU D 128 -5.70 30.56 -13.82
CA LEU D 128 -6.72 29.84 -14.55
C LEU D 128 -6.07 28.69 -15.30
N GLU D 129 -6.66 27.50 -15.16
CA GLU D 129 -6.19 26.31 -15.86
C GLU D 129 -7.23 25.88 -16.89
N TYR D 130 -6.83 25.84 -18.15
CA TYR D 130 -7.74 25.49 -19.24
C TYR D 130 -8.04 24.00 -19.33
N GLY D 131 -7.05 23.18 -18.98
CA GLY D 131 -7.20 21.74 -18.93
C GLY D 131 -7.94 21.30 -17.68
N TYR D 132 -8.30 20.02 -17.64
CA TYR D 132 -8.77 19.39 -16.41
C TYR D 132 -7.57 19.30 -15.47
N ILE D 133 -7.83 19.27 -14.17
CA ILE D 133 -6.75 19.13 -13.19
C ILE D 133 -6.81 17.75 -12.54
N SER D 134 -5.80 16.94 -12.84
CA SER D 134 -5.60 15.66 -12.18
C SER D 134 -4.88 15.91 -10.87
N THR D 135 -5.46 15.45 -9.77
CA THR D 135 -4.87 15.58 -8.43
C THR D 135 -4.94 14.23 -7.72
N SER D 136 -4.42 14.18 -6.51
CA SER D 136 -4.49 12.98 -5.68
C SER D 136 -4.99 13.33 -4.28
N LEU D 137 -5.60 12.37 -3.60
CA LEU D 137 -6.07 12.58 -2.22
C LEU D 137 -4.91 12.67 -1.22
N MET D 138 -3.77 12.11 -1.58
CA MET D 138 -2.53 12.27 -0.81
C MET D 138 -1.38 12.59 -1.75
N ASN D 139 -0.24 12.99 -1.18
CA ASN D 139 0.97 13.22 -1.93
C ASN D 139 1.61 11.88 -2.31
N VAL D 140 0.97 11.19 -3.26
CA VAL D 140 1.30 9.81 -3.58
C VAL D 140 2.65 9.70 -4.26
N SER D 141 3.28 8.53 -4.10
CA SER D 141 4.67 8.31 -4.49
C SER D 141 5.02 8.64 -5.94
N GLN D 142 4.08 8.45 -6.87
CA GLN D 142 4.38 8.62 -8.28
C GLN D 142 4.84 10.03 -8.61
N PHE D 143 4.18 11.02 -8.00
CA PHE D 143 4.44 12.43 -8.30
C PHE D 143 5.08 13.20 -7.14
N ALA D 144 5.31 12.52 -6.01
CA ALA D 144 5.88 13.16 -4.83
C ALA D 144 7.36 13.53 -4.97
N GLY D 145 8.04 12.97 -5.98
CA GLY D 145 9.44 13.25 -6.25
C GLY D 145 9.66 14.46 -7.15
N ARG D 146 8.57 15.09 -7.57
CA ARG D 146 8.66 16.29 -8.41
C ARG D 146 9.05 17.48 -7.56
N PRO D 147 9.65 18.50 -8.17
CA PRO D 147 10.12 19.68 -7.44
C PRO D 147 9.04 20.62 -6.92
N ILE D 148 7.81 20.57 -7.41
CA ILE D 148 6.76 21.46 -6.95
C ILE D 148 5.57 20.64 -6.47
N ILE D 149 5.22 20.77 -5.21
CA ILE D 149 4.04 20.12 -4.65
C ILE D 149 3.02 21.17 -4.30
N THR D 150 1.81 21.02 -4.84
CA THR D 150 0.70 21.93 -4.56
C THR D 150 -0.34 21.23 -3.71
N LYS D 151 -0.79 21.91 -2.67
CA LYS D 151 -1.90 21.48 -1.84
C LYS D 151 -3.09 22.39 -2.14
N PHE D 152 -4.14 21.84 -2.76
CA PHE D 152 -5.34 22.59 -3.11
C PHE D 152 -6.40 22.45 -2.03
N LYS D 153 -6.96 23.57 -1.60
CA LYS D 153 -8.07 23.59 -0.66
C LYS D 153 -9.38 23.64 -1.46
N VAL D 154 -10.12 22.54 -1.45
CA VAL D 154 -11.34 22.39 -2.25
C VAL D 154 -12.54 22.33 -1.32
N ALA D 155 -13.46 23.27 -1.50
CA ALA D 155 -14.58 23.44 -0.59
C ALA D 155 -15.67 22.41 -0.82
N LYS D 156 -16.43 22.15 0.25
CA LYS D 156 -17.64 21.34 0.21
C LYS D 156 -18.55 21.77 -0.94
N GLY D 157 -19.08 20.78 -1.66
CA GLY D 157 -19.99 21.02 -2.77
C GLY D 157 -19.31 21.20 -4.11
N SER D 158 -17.98 21.30 -4.09
CA SER D 158 -17.19 21.53 -5.30
C SER D 158 -17.16 20.30 -6.17
N LYS D 159 -17.06 20.53 -7.48
CA LYS D 159 -16.88 19.45 -8.43
C LYS D 159 -15.52 18.77 -8.26
N ALA D 160 -15.54 17.46 -8.02
CA ALA D 160 -14.33 16.66 -7.82
C ALA D 160 -14.71 15.18 -7.80
N GLY D 161 -14.03 14.37 -8.61
CA GLY D 161 -14.38 12.97 -8.80
C GLY D 161 -13.27 11.98 -8.48
N TYR D 162 -13.58 11.00 -7.63
CA TYR D 162 -12.68 9.90 -7.32
C TYR D 162 -12.83 8.85 -8.41
N ILE D 163 -11.83 8.71 -9.28
CA ILE D 163 -12.00 7.96 -10.52
C ILE D 163 -11.26 6.61 -10.62
N ASP D 164 -10.61 6.18 -9.54
CA ASP D 164 -9.93 4.88 -9.54
C ASP D 164 -10.87 3.70 -9.88
N PRO D 165 -12.10 3.69 -9.34
CA PRO D 165 -13.04 2.61 -9.67
C PRO D 165 -13.43 2.56 -11.15
N ILE D 166 -13.25 3.68 -11.86
CA ILE D 166 -13.59 3.78 -13.28
C ILE D 166 -12.49 3.25 -14.19
N SER D 167 -11.23 3.41 -13.78
CA SER D 167 -10.11 3.17 -14.66
C SER D 167 -8.83 2.80 -13.91
N ALA D 168 -8.26 1.65 -14.30
CA ALA D 168 -7.01 1.19 -13.73
C ALA D 168 -5.84 2.09 -14.12
N PHE D 169 -6.01 2.86 -15.19
CA PHE D 169 -5.01 3.84 -15.63
C PHE D 169 -4.96 5.11 -14.77
N ALA D 170 -5.97 5.34 -13.96
CA ALA D 170 -5.98 6.48 -13.04
C ALA D 170 -4.83 6.34 -12.04
N GLY D 171 -4.27 7.46 -11.65
CA GLY D 171 -3.24 7.48 -10.62
C GLY D 171 -3.81 7.02 -9.29
N GLN D 172 -2.93 6.59 -8.40
CA GLN D 172 -3.32 6.22 -7.05
C GLN D 172 -4.10 7.36 -6.39
N LEU D 173 -5.30 7.04 -5.91
CA LEU D 173 -6.17 8.01 -5.23
C LEU D 173 -6.46 9.27 -6.05
N GLU D 174 -6.53 9.14 -7.38
CA GLU D 174 -6.75 10.31 -8.24
C GLU D 174 -8.13 10.93 -8.05
N MET D 175 -8.14 12.26 -7.88
CA MET D 175 -9.34 13.06 -7.89
C MET D 175 -9.26 14.01 -9.08
N LEU D 176 -10.24 13.95 -9.97
CA LEU D 176 -10.26 14.81 -11.15
C LEU D 176 -11.09 16.06 -10.89
N LEU D 177 -10.56 17.20 -11.32
CA LEU D 177 -11.25 18.49 -11.20
C LEU D 177 -11.61 19.00 -12.58
N PRO D 178 -12.70 19.74 -12.68
CA PRO D 178 -13.17 20.23 -13.97
C PRO D 178 -12.21 21.20 -14.65
N ARG D 179 -12.33 21.31 -15.98
CA ARG D 179 -11.53 22.25 -16.75
C ARG D 179 -11.97 23.68 -16.50
N HIS D 180 -11.13 24.63 -16.92
CA HIS D 180 -11.40 26.05 -16.75
C HIS D 180 -11.61 26.45 -15.28
N SER D 181 -10.86 25.81 -14.39
CA SER D 181 -10.91 26.14 -12.96
C SER D 181 -9.88 27.20 -12.64
N THR D 182 -10.24 28.07 -11.71
CA THR D 182 -9.32 29.07 -11.17
C THR D 182 -9.00 28.72 -9.71
N TYR D 183 -7.72 28.80 -9.37
CA TYR D 183 -7.29 28.69 -7.97
C TYR D 183 -6.42 29.89 -7.61
N HIS D 184 -6.43 30.26 -6.35
CA HIS D 184 -5.63 31.36 -5.88
C HIS D 184 -4.46 30.80 -5.09
N ILE D 185 -3.25 31.20 -5.47
CA ILE D 185 -2.06 30.75 -4.75
C ILE D 185 -1.90 31.63 -3.50
N ASP D 186 -2.08 31.03 -2.33
CA ASP D 186 -2.03 31.76 -1.05
C ASP D 186 -0.63 31.83 -0.47
N ASP D 187 0.14 30.76 -0.64
CA ASP D 187 1.44 30.60 0.00
C ASP D 187 2.40 29.80 -0.88
N MET D 188 3.68 30.19 -0.87
CA MET D 188 4.75 29.45 -1.52
C MET D 188 5.98 29.46 -0.60
N ARG D 189 6.49 28.29 -0.27
CA ARG D 189 7.66 28.18 0.59
C ARG D 189 8.50 26.96 0.22
N LEU D 190 9.79 27.02 0.56
CA LEU D 190 10.67 25.89 0.37
C LEU D 190 10.38 24.84 1.45
N SER D 191 10.46 23.57 1.06
CA SER D 191 10.34 22.47 1.98
C SER D 191 11.51 22.48 2.95
N SER D 192 11.43 21.64 3.98
CA SER D 192 12.50 21.49 4.97
C SER D 192 13.90 21.47 4.36
N ASP D 193 14.11 20.64 3.34
CA ASP D 193 15.45 20.42 2.77
C ASP D 193 15.82 21.28 1.55
N GLY D 194 14.98 22.25 1.21
CA GLY D 194 15.27 23.17 0.12
C GLY D 194 15.20 22.59 -1.28
N LYS D 195 14.68 21.36 -1.42
CA LYS D 195 14.65 20.66 -2.72
C LYS D 195 13.28 20.75 -3.41
N GLN D 196 12.27 21.27 -2.71
CA GLN D 196 10.93 21.42 -3.28
C GLN D 196 10.31 22.78 -2.92
N ILE D 197 9.43 23.27 -3.79
CA ILE D 197 8.55 24.40 -3.48
C ILE D 197 7.19 23.82 -3.12
N ILE D 198 6.67 24.22 -1.97
CA ILE D 198 5.36 23.80 -1.52
C ILE D 198 4.38 24.97 -1.69
N ILE D 199 3.41 24.76 -2.56
CA ILE D 199 2.40 25.75 -2.88
C ILE D 199 1.10 25.36 -2.20
N THR D 200 0.50 26.31 -1.50
CA THR D 200 -0.84 26.14 -0.96
C THR D 200 -1.77 27.05 -1.74
N ALA D 201 -2.85 26.48 -2.27
CA ALA D 201 -3.78 27.23 -3.11
C ALA D 201 -5.21 26.93 -2.72
N THR D 202 -6.10 27.88 -2.96
CA THR D 202 -7.52 27.71 -2.68
C THR D 202 -8.25 27.61 -4.02
N MET D 203 -8.92 26.48 -4.23
CA MET D 203 -9.68 26.24 -5.44
C MET D 203 -10.97 27.05 -5.37
N MET D 204 -11.29 27.74 -6.47
CA MET D 204 -12.45 28.62 -6.52
C MET D 204 -13.41 28.27 -7.66
N GLY D 205 -13.52 26.98 -7.96
CA GLY D 205 -14.50 26.49 -8.91
C GLY D 205 -14.18 26.77 -10.37
N THR D 206 -15.15 26.46 -11.24
CA THR D 206 -15.03 26.66 -12.68
C THR D 206 -15.83 27.88 -13.12
#